data_3LF2
#
_entry.id   3LF2
#
_cell.length_a   65.788
_cell.length_b   112.607
_cell.length_c   136.584
_cell.angle_alpha   90.00
_cell.angle_beta   90.00
_cell.angle_gamma   90.00
#
_symmetry.space_group_name_H-M   'P 21 21 21'
#
loop_
_entity.id
_entity.type
_entity.pdbx_description
1 polymer 'Short Chain OxidoReductase Q9HYA2'
2 non-polymer 'NADPH DIHYDRO-NICOTINAMIDE-ADENINE-DINUCLEOTIDE PHOSPHATE'
3 non-polymer 'CHLORIDE ION'
4 non-polymer 'SULFATE ION'
5 non-polymer GLYCEROL
6 water water
#
_entity_poly.entity_id   1
_entity_poly.type   'polypeptide(L)'
_entity_poly.pdbx_seq_one_letter_code
;MKPYDLSEAVAVVTGGSSGIGLATVELLLEAGAAVAFCARDGERLRAAESALRQRFPGARLFASVCDVLDALQVRAFAEA
CERTLGCASILVNNAGQGRVSTFAETTDEAWSEELQLKFFSVIHPVRAFLPQLESRADAAIVCVNSLLASQPEPHMVATS
AARAGVKNLVRSMAFEFAPKGVRVNGILIGLVESGQWRRRFEAREERELDWAQWTAQLARNKQIPLGRLGKPIEAARAIL
FLASPLSAYTTGSHIDVSGGLSRHA
;
_entity_poly.pdbx_strand_id   A,B,C,D
#
# COMPACT_ATOMS: atom_id res chain seq x y z
N PRO A 3 5.40 23.83 23.44
CA PRO A 3 5.73 22.42 23.28
C PRO A 3 6.82 22.22 22.21
N TYR A 4 6.76 23.01 21.15
CA TYR A 4 7.77 22.98 20.09
C TYR A 4 8.50 24.32 20.00
N ASP A 5 9.83 24.27 20.10
CA ASP A 5 10.66 25.46 20.14
C ASP A 5 11.60 25.52 18.95
N LEU A 6 11.20 26.26 17.93
CA LEU A 6 11.94 26.31 16.66
C LEU A 6 12.76 27.60 16.53
N SER A 7 13.13 28.19 17.66
CA SER A 7 13.83 29.49 17.63
C SER A 7 15.18 29.35 16.90
N GLU A 8 15.70 28.13 16.88
CA GLU A 8 16.94 27.86 16.16
C GLU A 8 16.71 27.69 14.65
N ALA A 9 15.46 27.47 14.25
CA ALA A 9 15.16 27.10 12.87
C ALA A 9 15.00 28.29 11.93
N VAL A 10 15.37 28.08 10.67
CA VAL A 10 15.02 29.00 9.61
C VAL A 10 14.12 28.25 8.63
N ALA A 11 12.84 28.56 8.63
CA ALA A 11 11.88 27.79 7.85
C ALA A 11 11.39 28.53 6.61
N VAL A 12 11.35 27.82 5.48
CA VAL A 12 10.87 28.41 4.24
C VAL A 12 9.56 27.77 3.79
N VAL A 13 8.56 28.58 3.46
CA VAL A 13 7.27 28.10 3.04
C VAL A 13 6.85 28.67 1.68
N THR A 14 6.87 27.83 0.66
CA THR A 14 6.39 28.26 -0.65
C THR A 14 4.87 28.22 -0.68
N GLY A 15 4.25 29.27 -1.21
CA GLY A 15 2.80 29.34 -1.20
C GLY A 15 2.30 29.70 0.18
N GLY A 16 2.97 30.66 0.82
CA GLY A 16 2.68 30.99 2.21
C GLY A 16 1.75 32.16 2.48
N SER A 17 1.14 32.72 1.44
CA SER A 17 0.32 33.93 1.62
C SER A 17 -1.15 33.69 1.99
N SER A 18 -1.59 32.43 1.97
CA SER A 18 -2.95 32.09 2.39
C SER A 18 -3.14 30.60 2.62
N GLY A 19 -4.33 30.23 3.09
CA GLY A 19 -4.69 28.85 3.35
C GLY A 19 -3.70 28.09 4.22
N ILE A 20 -3.45 26.85 3.85
CA ILE A 20 -2.54 25.97 4.57
C ILE A 20 -1.14 26.58 4.69
N GLY A 21 -0.68 27.27 3.65
CA GLY A 21 0.63 27.88 3.69
C GLY A 21 0.75 28.98 4.77
N LEU A 22 -0.24 29.87 4.79
CA LEU A 22 -0.31 30.93 5.80
C LEU A 22 -0.45 30.35 7.21
N ALA A 23 -1.36 29.38 7.34
CA ALA A 23 -1.56 28.69 8.60
C ALA A 23 -0.26 28.04 9.06
N THR A 24 0.53 27.57 8.12
CA THR A 24 1.80 26.96 8.46
C THR A 24 2.80 28.01 8.92
N VAL A 25 2.87 29.11 8.17
CA VAL A 25 3.73 30.23 8.54
C VAL A 25 3.38 30.77 9.93
N GLU A 26 2.09 30.86 10.23
CA GLU A 26 1.66 31.36 11.53
C GLU A 26 2.18 30.43 12.61
N LEU A 27 1.94 29.14 12.43
CA LEU A 27 2.40 28.15 13.41
C LEU A 27 3.90 28.22 13.63
N LEU A 28 4.65 28.47 12.55
CA LEU A 28 6.10 28.59 12.63
C LEU A 28 6.60 29.83 13.41
N LEU A 29 5.99 30.99 13.18
CA LEU A 29 6.37 32.17 13.95
C LEU A 29 6.08 31.91 15.44
N GLU A 30 4.92 31.32 15.70
CA GLU A 30 4.54 31.05 17.07
C GLU A 30 5.55 30.16 17.79
N ALA A 31 6.22 29.29 17.05
CA ALA A 31 7.26 28.46 17.65
C ALA A 31 8.60 29.18 17.70
N GLY A 32 8.59 30.44 17.24
CA GLY A 32 9.73 31.33 17.38
C GLY A 32 10.74 31.18 16.27
N ALA A 33 10.34 30.52 15.18
CA ALA A 33 11.22 30.30 14.04
C ALA A 33 11.35 31.56 13.20
N ALA A 34 12.52 31.76 12.61
CA ALA A 34 12.68 32.73 11.53
C ALA A 34 12.03 32.12 10.29
N VAL A 35 11.13 32.87 9.65
CA VAL A 35 10.30 32.32 8.59
C VAL A 35 10.34 33.16 7.33
N ALA A 36 10.40 32.49 6.17
CA ALA A 36 10.34 33.16 4.87
C ALA A 36 9.22 32.53 4.06
N PHE A 37 8.42 33.34 3.38
CA PHE A 37 7.39 32.79 2.51
C PHE A 37 7.30 33.55 1.21
N CYS A 38 6.87 32.84 0.17
CA CYS A 38 6.73 33.44 -1.15
C CYS A 38 5.36 33.12 -1.73
N ALA A 39 5.01 33.86 -2.77
CA ALA A 39 3.78 33.65 -3.52
C ALA A 39 3.84 34.62 -4.68
N ARG A 40 2.92 34.49 -5.61
CA ARG A 40 2.96 35.29 -6.82
C ARG A 40 2.34 36.67 -6.61
N ASP A 41 1.20 36.72 -5.93
CA ASP A 41 0.47 37.97 -5.73
C ASP A 41 1.11 38.85 -4.64
N GLY A 42 1.85 39.86 -5.08
CA GLY A 42 2.58 40.74 -4.18
C GLY A 42 1.75 41.42 -3.11
N GLU A 43 0.53 41.82 -3.44
CA GLU A 43 -0.32 42.56 -2.51
C GLU A 43 -0.86 41.67 -1.40
N ARG A 44 -1.41 40.52 -1.77
CA ARG A 44 -1.89 39.57 -0.77
C ARG A 44 -0.70 39.15 0.09
N LEU A 45 0.46 39.02 -0.55
CA LEU A 45 1.71 38.65 0.10
C LEU A 45 2.09 39.66 1.19
N ARG A 46 2.09 40.95 0.84
CA ARG A 46 2.43 42.02 1.80
C ARG A 46 1.36 42.25 2.87
N ALA A 47 0.10 42.05 2.50
CA ALA A 47 -0.99 42.15 3.46
C ALA A 47 -0.81 41.09 4.53
N ALA A 48 -0.69 39.85 4.06
CA ALA A 48 -0.41 38.72 4.94
C ALA A 48 0.79 39.06 5.81
N GLU A 49 1.85 39.54 5.17
CA GLU A 49 3.08 39.90 5.88
C GLU A 49 2.83 40.89 7.03
N SER A 50 1.97 41.89 6.80
CA SER A 50 1.68 42.92 7.78
C SER A 50 0.95 42.35 8.98
N ALA A 51 -0.07 41.54 8.69
CA ALA A 51 -0.84 40.89 9.74
C ALA A 51 0.07 40.01 10.60
N LEU A 52 1.00 39.30 9.96
CA LEU A 52 1.94 38.46 10.68
C LEU A 52 2.77 39.26 11.66
N ARG A 53 3.35 40.37 11.19
CA ARG A 53 4.21 41.19 12.03
C ARG A 53 3.42 41.79 13.18
N GLN A 54 2.15 42.05 12.91
CA GLN A 54 1.21 42.49 13.93
C GLN A 54 1.07 41.43 15.02
N ARG A 55 0.59 40.26 14.62
CA ARG A 55 0.33 39.19 15.57
C ARG A 55 1.61 38.70 16.26
N PHE A 56 2.75 38.86 15.61
CA PHE A 56 4.02 38.38 16.18
C PHE A 56 5.09 39.46 16.26
N PRO A 57 4.97 40.38 17.24
CA PRO A 57 5.83 41.56 17.32
C PRO A 57 7.31 41.32 17.03
N GLY A 58 7.97 40.39 17.71
CA GLY A 58 9.39 40.19 17.47
C GLY A 58 9.79 39.56 16.13
N ALA A 59 8.80 39.00 15.44
CA ALA A 59 9.00 38.10 14.29
C ALA A 59 10.13 38.42 13.31
N ARG A 60 11.02 37.46 13.11
CA ARG A 60 11.98 37.53 12.02
C ARG A 60 11.34 36.92 10.77
N LEU A 61 10.83 37.78 9.91
CA LEU A 61 10.00 37.36 8.80
C LEU A 61 10.45 38.00 7.50
N PHE A 62 10.51 37.19 6.46
CA PHE A 62 10.90 37.66 5.15
C PHE A 62 9.92 37.14 4.10
N ALA A 63 9.29 38.05 3.39
CA ALA A 63 8.27 37.72 2.41
C ALA A 63 8.72 38.28 1.07
N SER A 64 8.59 37.48 0.03
CA SER A 64 9.10 37.87 -1.28
C SER A 64 8.21 37.29 -2.37
N VAL A 65 7.95 38.07 -3.41
CA VAL A 65 7.22 37.53 -4.53
C VAL A 65 8.08 36.51 -5.27
N CYS A 66 7.48 35.39 -5.62
CA CYS A 66 8.21 34.34 -6.33
C CYS A 66 7.24 33.31 -6.88
N ASP A 67 7.39 32.99 -8.17
CA ASP A 67 6.62 31.92 -8.78
C ASP A 67 7.51 30.66 -8.81
N VAL A 68 7.14 29.65 -8.03
CA VAL A 68 7.97 28.45 -7.91
C VAL A 68 8.16 27.70 -9.24
N LEU A 69 7.31 28.01 -10.21
CA LEU A 69 7.45 27.41 -11.54
C LEU A 69 8.67 27.96 -12.29
N ASP A 70 9.22 29.07 -11.82
CA ASP A 70 10.36 29.70 -12.47
C ASP A 70 11.65 29.45 -11.71
N ALA A 71 12.46 28.53 -12.22
CA ALA A 71 13.71 28.16 -11.54
C ALA A 71 14.58 29.35 -11.18
N LEU A 72 14.67 30.30 -12.12
CA LEU A 72 15.47 31.51 -11.92
C LEU A 72 14.96 32.33 -10.74
N GLN A 73 13.64 32.43 -10.62
CA GLN A 73 13.05 33.15 -9.50
C GLN A 73 13.35 32.38 -8.20
N VAL A 74 13.20 31.06 -8.25
CA VAL A 74 13.49 30.25 -7.08
C VAL A 74 14.95 30.38 -6.63
N ARG A 75 15.91 30.35 -7.55
CA ARG A 75 17.30 30.59 -7.18
C ARG A 75 17.44 31.94 -6.48
N ALA A 76 16.88 33.01 -7.06
CA ALA A 76 16.96 34.33 -6.43
C ALA A 76 16.27 34.38 -5.06
N PHE A 77 15.14 33.70 -4.92
CA PHE A 77 14.42 33.67 -3.64
C PHE A 77 15.24 32.94 -2.58
N ALA A 78 15.89 31.85 -2.97
CA ALA A 78 16.65 31.06 -2.02
C ALA A 78 17.83 31.88 -1.50
N GLU A 79 18.51 32.54 -2.41
CA GLU A 79 19.64 33.37 -2.07
C GLU A 79 19.25 34.57 -1.21
N ALA A 80 18.12 35.21 -1.54
CA ALA A 80 17.66 36.32 -0.73
C ALA A 80 17.24 35.83 0.66
N CYS A 81 16.72 34.61 0.75
CA CYS A 81 16.38 34.02 2.05
C CYS A 81 17.62 33.83 2.91
N GLU A 82 18.66 33.26 2.31
CA GLU A 82 19.90 33.02 3.02
C GLU A 82 20.51 34.35 3.51
N ARG A 83 20.52 35.34 2.64
CA ARG A 83 21.08 36.65 2.96
C ARG A 83 20.35 37.32 4.11
N THR A 84 19.03 37.09 4.20
CA THR A 84 18.19 37.79 5.16
C THR A 84 18.02 37.09 6.52
N LEU A 85 17.95 35.76 6.49
CA LEU A 85 17.69 34.99 7.71
C LEU A 85 18.76 33.94 8.02
N GLY A 86 19.65 33.69 7.06
CA GLY A 86 20.61 32.60 7.21
C GLY A 86 20.16 31.35 6.46
N CYS A 87 21.01 30.32 6.45
CA CYS A 87 20.69 29.08 5.76
C CYS A 87 19.41 28.42 6.32
N ALA A 88 18.53 28.03 5.41
CA ALA A 88 17.27 27.39 5.78
C ALA A 88 17.47 25.99 6.39
N SER A 89 16.64 25.66 7.36
CA SER A 89 16.70 24.33 7.97
C SER A 89 15.39 23.59 7.74
N ILE A 90 14.37 24.32 7.32
CA ILE A 90 13.05 23.75 7.08
C ILE A 90 12.49 24.26 5.75
N LEU A 91 11.96 23.34 4.93
CA LEU A 91 11.31 23.69 3.67
C LEU A 91 9.94 23.03 3.58
N VAL A 92 8.91 23.84 3.43
CA VAL A 92 7.56 23.33 3.24
C VAL A 92 7.11 23.73 1.85
N ASN A 93 6.92 22.74 0.99
CA ASN A 93 6.43 23.00 -0.35
C ASN A 93 4.91 22.86 -0.37
N ASN A 94 4.22 23.99 -0.46
CA ASN A 94 2.77 24.00 -0.31
C ASN A 94 2.07 24.39 -1.60
N ALA A 95 2.62 25.39 -2.28
CA ALA A 95 2.11 25.86 -3.57
C ALA A 95 1.53 24.71 -4.40
N GLY A 96 0.35 24.94 -4.98
CA GLY A 96 -0.37 23.91 -5.71
C GLY A 96 -1.83 24.29 -5.84
N GLN A 97 -2.47 23.80 -6.89
CA GLN A 97 -3.88 24.08 -7.14
C GLN A 97 -4.54 22.94 -7.88
N GLY A 98 -5.41 22.22 -7.18
CA GLY A 98 -6.06 21.05 -7.75
C GLY A 98 -6.83 21.37 -9.01
N ARG A 99 -7.22 20.34 -9.75
CA ARG A 99 -7.98 20.55 -10.97
C ARG A 99 -9.10 19.54 -11.09
N VAL A 100 -10.28 20.02 -11.45
CA VAL A 100 -11.45 19.17 -11.59
C VAL A 100 -11.57 18.71 -13.04
N SER A 101 -11.44 17.40 -13.26
CA SER A 101 -11.48 16.85 -14.60
C SER A 101 -11.54 15.32 -14.58
N THR A 102 -12.39 14.75 -15.43
CA THR A 102 -12.34 13.32 -15.72
C THR A 102 -11.26 13.07 -16.78
N PHE A 103 -10.98 11.81 -17.08
CA PHE A 103 -10.01 11.52 -18.13
C PHE A 103 -10.52 12.11 -19.43
N ALA A 104 -11.82 11.92 -19.67
CA ALA A 104 -12.48 12.42 -20.88
C ALA A 104 -12.41 13.94 -21.06
N GLU A 105 -12.37 14.67 -19.94
CA GLU A 105 -12.35 16.14 -19.95
C GLU A 105 -10.93 16.74 -19.94
N THR A 106 -9.92 15.94 -19.65
CA THR A 106 -8.56 16.45 -19.53
C THR A 106 -7.81 16.39 -20.85
N THR A 107 -7.46 17.57 -21.39
CA THR A 107 -6.69 17.66 -22.62
C THR A 107 -5.18 17.50 -22.39
N ASP A 108 -4.41 17.35 -23.47
CA ASP A 108 -2.97 17.25 -23.35
C ASP A 108 -2.40 18.49 -22.64
N GLU A 109 -2.90 19.65 -23.05
CA GLU A 109 -2.50 20.91 -22.44
C GLU A 109 -2.73 20.90 -20.93
N ALA A 110 -3.90 20.40 -20.52
CA ALA A 110 -4.24 20.38 -19.10
C ALA A 110 -3.40 19.33 -18.33
N TRP A 111 -3.08 18.22 -18.99
CA TRP A 111 -2.17 17.22 -18.43
C TRP A 111 -0.79 17.82 -18.14
N SER A 112 -0.21 18.51 -19.13
CA SER A 112 1.14 19.06 -19.05
C SER A 112 1.18 20.10 -17.98
N GLU A 113 0.15 20.94 -17.97
CA GLU A 113 0.09 21.99 -16.98
C GLU A 113 0.02 21.36 -15.60
N GLU A 114 -0.80 20.32 -15.48
CA GLU A 114 -1.03 19.69 -14.18
C GLU A 114 0.25 19.06 -13.61
N LEU A 115 0.98 18.34 -14.47
CA LEU A 115 2.20 17.65 -14.06
C LEU A 115 3.31 18.66 -13.75
N GLN A 116 3.45 19.65 -14.61
CA GLN A 116 4.46 20.69 -14.43
C GLN A 116 4.28 21.39 -13.09
N LEU A 117 3.03 21.71 -12.77
CA LEU A 117 2.72 22.42 -11.54
C LEU A 117 2.97 21.52 -10.33
N LYS A 118 2.41 20.32 -10.36
CA LYS A 118 2.56 19.46 -9.21
C LYS A 118 4.03 19.07 -9.00
N PHE A 119 4.75 18.80 -10.09
CA PHE A 119 6.15 18.41 -9.96
C PHE A 119 7.16 19.54 -9.66
N PHE A 120 7.12 20.63 -10.42
CA PHE A 120 8.17 21.64 -10.32
C PHE A 120 8.03 22.56 -9.11
N SER A 121 6.82 22.69 -8.61
CA SER A 121 6.60 23.42 -7.37
C SER A 121 7.33 22.70 -6.20
N VAL A 122 7.73 21.45 -6.44
CA VAL A 122 8.53 20.69 -5.47
C VAL A 122 10.00 20.60 -5.91
N ILE A 123 10.24 20.24 -7.17
CA ILE A 123 11.60 20.16 -7.70
C ILE A 123 12.40 21.46 -7.58
N HIS A 124 11.82 22.58 -8.00
CA HIS A 124 12.53 23.85 -7.94
C HIS A 124 12.96 24.27 -6.52
N PRO A 125 11.99 24.34 -5.57
CA PRO A 125 12.37 24.77 -4.23
C PRO A 125 13.35 23.80 -3.56
N VAL A 126 13.12 22.50 -3.72
CA VAL A 126 14.03 21.50 -3.14
C VAL A 126 15.45 21.62 -3.70
N ARG A 127 15.56 21.72 -5.03
CA ARG A 127 16.89 21.84 -5.65
C ARG A 127 17.61 23.16 -5.26
N ALA A 128 16.87 24.25 -5.18
CA ALA A 128 17.48 25.55 -4.84
C ALA A 128 17.87 25.68 -3.37
N PHE A 129 17.14 25.00 -2.50
CA PHE A 129 17.36 25.09 -1.05
C PHE A 129 18.13 23.91 -0.41
N LEU A 130 18.25 22.79 -1.14
CA LEU A 130 18.97 21.64 -0.60
C LEU A 130 20.35 21.99 -0.03
N PRO A 131 21.14 22.80 -0.74
CA PRO A 131 22.48 23.12 -0.23
C PRO A 131 22.48 23.86 1.11
N GLN A 132 21.48 24.69 1.32
CA GLN A 132 21.29 25.30 2.64
C GLN A 132 20.82 24.28 3.67
N LEU A 133 19.86 23.44 3.29
CA LEU A 133 19.34 22.43 4.20
C LEU A 133 20.45 21.49 4.68
N GLU A 134 21.31 21.09 3.75
CA GLU A 134 22.34 20.11 4.03
C GLU A 134 23.53 20.70 4.79
N SER A 135 23.42 21.98 5.17
CA SER A 135 24.45 22.59 6.00
CA SER A 135 24.44 22.61 6.00
C SER A 135 23.95 22.78 7.43
N ARG A 136 22.68 22.42 7.64
CA ARG A 136 21.99 22.64 8.92
C ARG A 136 21.58 21.38 9.65
N ALA A 137 21.60 21.42 10.98
CA ALA A 137 21.06 20.34 11.80
C ALA A 137 19.55 20.42 11.82
N ASP A 138 18.90 19.29 12.12
CA ASP A 138 17.44 19.28 12.25
C ASP A 138 16.80 19.74 10.94
N ALA A 139 17.45 19.43 9.81
CA ALA A 139 16.94 19.80 8.49
C ALA A 139 15.79 18.89 8.07
N ALA A 140 14.68 19.49 7.65
CA ALA A 140 13.50 18.74 7.22
C ALA A 140 12.76 19.41 6.06
N ILE A 141 12.22 18.59 5.17
CA ILE A 141 11.39 19.07 4.07
C ILE A 141 10.01 18.45 4.21
N VAL A 142 8.96 19.25 4.02
CA VAL A 142 7.60 18.74 3.98
C VAL A 142 6.91 19.17 2.69
N CYS A 143 6.44 18.19 1.91
CA CYS A 143 5.69 18.48 0.70
C CYS A 143 4.18 18.24 0.92
N VAL A 144 3.38 19.29 0.78
CA VAL A 144 1.94 19.13 0.94
C VAL A 144 1.33 18.37 -0.24
N ASN A 145 0.48 17.40 0.06
CA ASN A 145 -0.10 16.53 -0.96
C ASN A 145 -1.51 16.23 -0.50
N SER A 146 -2.19 15.34 -1.21
CA SER A 146 -3.58 15.01 -0.96
C SER A 146 -3.79 13.50 -1.01
N LEU A 147 -4.85 13.02 -0.35
CA LEU A 147 -5.20 11.60 -0.34
C LEU A 147 -5.35 11.03 -1.78
N LEU A 148 -5.66 11.92 -2.71
CA LEU A 148 -5.78 11.56 -4.14
C LEU A 148 -4.57 10.79 -4.65
N ALA A 149 -3.41 11.05 -4.03
CA ALA A 149 -2.17 10.42 -4.43
C ALA A 149 -2.19 8.91 -4.23
N SER A 150 -3.00 8.43 -3.30
CA SER A 150 -3.06 6.98 -3.06
C SER A 150 -4.48 6.46 -3.25
N GLN A 151 -5.43 7.37 -3.32
CA GLN A 151 -6.83 7.00 -3.51
C GLN A 151 -7.50 7.95 -4.47
N PRO A 152 -7.40 7.68 -5.79
CA PRO A 152 -7.90 8.62 -6.81
C PRO A 152 -9.42 8.88 -6.74
N GLU A 153 -9.85 10.07 -7.16
CA GLU A 153 -11.28 10.40 -7.31
C GLU A 153 -11.63 10.72 -8.79
N PRO A 154 -12.82 10.30 -9.23
CA PRO A 154 -13.27 10.30 -10.63
C PRO A 154 -13.21 11.67 -11.32
N HIS A 155 -13.41 12.73 -10.56
CA HIS A 155 -13.42 14.07 -11.11
C HIS A 155 -12.12 14.80 -10.79
N MET A 156 -11.12 14.04 -10.39
CA MET A 156 -9.80 14.61 -10.16
C MET A 156 -8.73 13.72 -10.82
N VAL A 157 -8.99 13.27 -12.05
CA VAL A 157 -8.12 12.26 -12.66
C VAL A 157 -6.67 12.68 -12.79
N ALA A 158 -6.44 13.86 -13.37
CA ALA A 158 -5.08 14.31 -13.64
C ALA A 158 -4.36 14.75 -12.38
N THR A 159 -5.03 15.46 -11.48
CA THR A 159 -4.40 15.87 -10.24
CA THR A 159 -4.41 15.87 -10.23
C THR A 159 -4.02 14.63 -9.40
N SER A 160 -4.94 13.67 -9.29
CA SER A 160 -4.67 12.41 -8.56
C SER A 160 -3.40 11.70 -9.03
N ALA A 161 -3.22 11.62 -10.35
CA ALA A 161 -2.05 10.97 -10.93
C ALA A 161 -0.78 11.80 -10.75
N ALA A 162 -0.90 13.12 -10.91
CA ALA A 162 0.25 13.98 -10.63
C ALA A 162 0.64 13.87 -9.15
N ARG A 163 -0.35 13.91 -8.27
CA ARG A 163 -0.10 13.79 -6.84
C ARG A 163 0.62 12.48 -6.55
N ALA A 164 0.22 11.42 -7.24
CA ALA A 164 0.82 10.11 -6.99
C ALA A 164 2.31 10.18 -7.28
N GLY A 165 2.65 10.74 -8.43
CA GLY A 165 4.04 10.96 -8.77
C GLY A 165 4.77 11.66 -7.65
N VAL A 166 4.20 12.75 -7.14
CA VAL A 166 4.87 13.53 -6.10
C VAL A 166 5.05 12.76 -4.79
N LYS A 167 4.09 11.90 -4.46
CA LYS A 167 4.24 11.01 -3.31
C LYS A 167 5.46 10.09 -3.47
N ASN A 168 5.56 9.48 -4.63
CA ASN A 168 6.66 8.56 -4.90
C ASN A 168 7.98 9.30 -4.77
N LEU A 169 8.01 10.52 -5.30
CA LEU A 169 9.19 11.38 -5.25
C LEU A 169 9.64 11.70 -3.79
N VAL A 170 8.67 11.97 -2.92
CA VAL A 170 8.98 12.16 -1.50
C VAL A 170 9.77 10.99 -0.90
N ARG A 171 9.35 9.76 -1.16
CA ARG A 171 10.14 8.59 -0.73
C ARG A 171 11.57 8.64 -1.30
N SER A 172 11.70 8.96 -2.59
CA SER A 172 13.01 8.94 -3.23
C SER A 172 13.91 9.99 -2.65
N MET A 173 13.37 11.19 -2.46
CA MET A 173 14.12 12.28 -1.87
C MET A 173 14.50 11.94 -0.42
N ALA A 174 13.60 11.32 0.31
CA ALA A 174 13.95 10.91 1.67
C ALA A 174 15.19 10.02 1.66
N PHE A 175 15.20 9.01 0.78
CA PHE A 175 16.30 8.06 0.75
C PHE A 175 17.59 8.75 0.32
N GLU A 176 17.47 9.65 -0.66
CA GLU A 176 18.66 10.26 -1.22
C GLU A 176 19.30 11.26 -0.27
N PHE A 177 18.48 11.99 0.49
CA PHE A 177 18.99 13.09 1.32
C PHE A 177 19.38 12.65 2.72
N ALA A 178 18.98 11.44 3.11
CA ALA A 178 19.19 10.98 4.50
C ALA A 178 20.65 10.96 4.90
N PRO A 179 21.56 10.59 3.98
CA PRO A 179 22.97 10.63 4.38
C PRO A 179 23.46 12.05 4.73
N LYS A 180 22.80 13.08 4.18
CA LYS A 180 23.18 14.46 4.43
C LYS A 180 22.39 15.10 5.55
N GLY A 181 21.53 14.33 6.20
CA GLY A 181 20.86 14.80 7.40
C GLY A 181 19.49 15.44 7.18
N VAL A 182 18.98 15.36 5.97
CA VAL A 182 17.72 15.99 5.66
C VAL A 182 16.57 14.99 5.61
N ARG A 183 15.59 15.15 6.48
CA ARG A 183 14.40 14.30 6.44
C ARG A 183 13.40 14.85 5.42
N VAL A 184 12.61 13.96 4.84
CA VAL A 184 11.62 14.34 3.84
C VAL A 184 10.31 13.56 4.04
N ASN A 185 9.21 14.27 4.25
CA ASN A 185 7.90 13.67 4.45
C ASN A 185 6.85 14.56 3.80
N GLY A 186 5.60 14.11 3.78
CA GLY A 186 4.50 14.95 3.30
C GLY A 186 3.23 14.66 4.05
N ILE A 187 2.17 15.39 3.74
CA ILE A 187 0.87 15.07 4.31
C ILE A 187 -0.06 14.78 3.16
N LEU A 188 -1.16 14.10 3.45
CA LEU A 188 -2.19 13.79 2.47
C LEU A 188 -3.50 14.37 3.00
N ILE A 189 -3.85 15.55 2.50
CA ILE A 189 -5.08 16.18 2.96
C ILE A 189 -6.30 15.54 2.32
N GLY A 190 -7.45 15.66 2.97
CA GLY A 190 -8.72 15.27 2.40
C GLY A 190 -9.41 16.52 1.87
N LEU A 191 -10.67 16.70 2.24
CA LEU A 191 -11.36 17.95 1.91
C LEU A 191 -11.09 18.99 3.00
N VAL A 192 -10.45 20.09 2.61
CA VAL A 192 -10.12 21.17 3.55
C VAL A 192 -10.76 22.50 3.13
N GLU A 193 -11.41 23.16 4.07
CA GLU A 193 -12.03 24.46 3.80
C GLU A 193 -11.06 25.36 3.03
N SER A 194 -11.54 25.97 1.95
CA SER A 194 -10.68 26.77 1.11
C SER A 194 -11.46 27.82 0.34
N GLY A 195 -10.75 28.68 -0.38
CA GLY A 195 -11.38 29.68 -1.21
C GLY A 195 -12.31 29.01 -2.20
N GLN A 196 -11.86 27.89 -2.75
CA GLN A 196 -12.62 27.14 -3.75
C GLN A 196 -13.97 26.63 -3.21
N TRP A 197 -13.96 26.14 -1.97
CA TRP A 197 -15.18 25.62 -1.34
C TRP A 197 -16.15 26.71 -0.93
N ARG A 198 -15.66 27.91 -0.63
CA ARG A 198 -16.54 29.03 -0.36
C ARG A 198 -17.07 29.58 -1.69
N ARG A 199 -16.25 29.44 -2.73
CA ARG A 199 -16.62 29.80 -4.08
C ARG A 199 -17.83 28.99 -4.52
N ARG A 200 -17.79 27.68 -4.25
CA ARG A 200 -18.88 26.79 -4.61
C ARG A 200 -20.12 27.07 -3.77
N PHE A 201 -19.92 27.33 -2.49
CA PHE A 201 -21.03 27.62 -1.60
C PHE A 201 -21.87 28.79 -2.14
N GLU A 202 -21.19 29.81 -2.67
CA GLU A 202 -21.87 30.98 -3.21
C GLU A 202 -22.67 30.65 -4.46
N ALA A 203 -22.49 29.42 -4.97
CA ALA A 203 -23.25 28.92 -6.11
C ALA A 203 -24.52 28.22 -5.65
N ASP A 210 -26.99 28.03 7.01
CA ASP A 210 -25.71 28.71 7.13
C ASP A 210 -24.61 27.95 6.40
N TRP A 211 -23.46 28.61 6.20
CA TRP A 211 -22.33 27.98 5.56
C TRP A 211 -21.90 26.70 6.29
N ALA A 212 -21.81 26.78 7.60
CA ALA A 212 -21.39 25.63 8.41
C ALA A 212 -22.40 24.49 8.36
N GLN A 213 -23.44 24.67 7.55
CA GLN A 213 -24.41 23.61 7.38
C GLN A 213 -24.33 23.03 5.97
N TRP A 214 -24.14 23.91 4.99
CA TRP A 214 -23.97 23.46 3.62
C TRP A 214 -22.69 22.64 3.49
N THR A 215 -21.74 22.91 4.39
CA THR A 215 -20.51 22.13 4.44
C THR A 215 -20.76 20.79 5.13
N ALA A 216 -21.55 20.81 6.19
CA ALA A 216 -21.89 19.59 6.92
C ALA A 216 -22.53 18.61 5.95
N GLN A 217 -23.40 19.13 5.10
CA GLN A 217 -24.01 18.33 4.05
C GLN A 217 -22.93 17.76 3.13
N LEU A 218 -22.03 18.63 2.67
CA LEU A 218 -20.93 18.18 1.82
C LEU A 218 -20.17 17.02 2.47
N ALA A 219 -19.77 17.18 3.73
CA ALA A 219 -19.01 16.14 4.43
C ALA A 219 -19.81 14.86 4.56
N ARG A 220 -21.12 14.99 4.65
CA ARG A 220 -22.01 13.84 4.77
C ARG A 220 -22.11 13.08 3.44
N ASN A 221 -22.22 13.84 2.35
CA ASN A 221 -22.27 13.27 1.01
C ASN A 221 -20.93 12.66 0.63
N LYS A 222 -19.84 13.29 1.07
CA LYS A 222 -18.49 12.84 0.76
C LYS A 222 -18.04 11.71 1.69
N GLN A 223 -18.91 11.32 2.61
CA GLN A 223 -18.63 10.21 3.50
C GLN A 223 -17.34 10.40 4.30
N ILE A 224 -17.19 11.55 4.94
CA ILE A 224 -16.06 11.80 5.83
C ILE A 224 -16.41 11.32 7.23
N PRO A 225 -15.70 10.30 7.71
CA PRO A 225 -16.03 9.77 9.04
C PRO A 225 -16.06 10.84 10.13
N LEU A 226 -15.13 11.79 10.11
CA LEU A 226 -15.14 12.82 11.15
C LEU A 226 -16.23 13.87 10.93
N GLY A 227 -16.96 13.74 9.83
CA GLY A 227 -18.21 14.44 9.63
C GLY A 227 -18.09 15.93 9.43
N ARG A 228 -16.88 16.39 9.09
CA ARG A 228 -16.68 17.80 8.79
C ARG A 228 -15.52 17.96 7.84
N LEU A 229 -15.45 19.13 7.21
CA LEU A 229 -14.30 19.49 6.40
C LEU A 229 -13.10 19.71 7.32
N GLY A 230 -11.89 19.53 6.82
CA GLY A 230 -10.70 19.86 7.57
C GLY A 230 -10.47 21.37 7.68
N LYS A 231 -9.61 21.78 8.60
CA LYS A 231 -9.22 23.17 8.75
C LYS A 231 -7.80 23.32 8.29
N PRO A 232 -7.50 24.45 7.63
CA PRO A 232 -6.13 24.73 7.20
C PRO A 232 -5.15 24.52 8.34
N ILE A 233 -5.55 24.93 9.54
CA ILE A 233 -4.67 24.89 10.71
C ILE A 233 -4.31 23.44 11.06
N GLU A 234 -5.27 22.55 10.90
CA GLU A 234 -5.05 21.13 11.17
C GLU A 234 -3.98 20.57 10.21
N ALA A 235 -4.04 20.97 8.95
CA ALA A 235 -3.02 20.55 8.00
C ALA A 235 -1.66 21.11 8.42
N ALA A 236 -1.70 22.33 8.95
CA ALA A 236 -0.50 23.05 9.39
C ALA A 236 0.17 22.35 10.57
N ARG A 237 -0.64 21.80 11.47
CA ARG A 237 -0.11 21.11 12.63
C ARG A 237 0.62 19.83 12.25
N ALA A 238 0.08 19.08 11.29
CA ALA A 238 0.79 17.90 10.81
C ALA A 238 2.09 18.33 10.14
N ILE A 239 2.01 19.40 9.37
CA ILE A 239 3.22 19.94 8.76
C ILE A 239 4.26 20.28 9.83
N LEU A 240 3.79 20.93 10.90
CA LEU A 240 4.66 21.40 11.97
C LEU A 240 5.36 20.24 12.68
N PHE A 241 4.58 19.23 13.03
CA PHE A 241 5.16 18.04 13.63
C PHE A 241 6.26 17.46 12.72
N LEU A 242 5.96 17.31 11.43
CA LEU A 242 6.91 16.74 10.46
C LEU A 242 8.13 17.62 10.21
N ALA A 243 7.95 18.95 10.29
CA ALA A 243 9.05 19.88 10.04
C ALA A 243 9.99 19.97 11.26
N SER A 244 9.44 19.68 12.43
CA SER A 244 10.14 19.86 13.70
C SER A 244 10.92 18.61 14.17
N PRO A 245 11.86 18.80 15.10
CA PRO A 245 12.61 17.70 15.72
C PRO A 245 11.73 16.72 16.50
N LEU A 246 10.44 17.00 16.65
CA LEU A 246 9.54 16.06 17.32
C LEU A 246 9.38 14.73 16.52
N SER A 247 9.66 14.76 15.22
CA SER A 247 9.55 13.61 14.34
C SER A 247 10.90 13.20 13.76
N ALA A 248 11.95 13.33 14.57
CA ALA A 248 13.35 13.16 14.14
C ALA A 248 13.69 11.77 13.60
N TYR A 249 12.79 10.81 13.80
CA TYR A 249 13.03 9.45 13.30
C TYR A 249 12.03 9.06 12.23
N THR A 250 11.40 10.08 11.64
CA THR A 250 10.39 9.87 10.63
C THR A 250 10.88 10.46 9.33
N THR A 251 11.00 9.63 8.30
CA THR A 251 11.39 10.15 7.00
C THR A 251 10.86 9.24 5.89
N GLY A 252 10.61 9.83 4.72
CA GLY A 252 10.09 9.07 3.59
C GLY A 252 8.67 8.59 3.81
N SER A 253 7.91 9.33 4.61
CA SER A 253 6.57 8.92 4.99
C SER A 253 5.57 10.05 4.82
N HIS A 254 4.31 9.75 5.08
CA HIS A 254 3.24 10.72 4.99
C HIS A 254 2.33 10.65 6.23
N ILE A 255 1.74 11.80 6.57
CA ILE A 255 0.69 11.84 7.58
C ILE A 255 -0.65 12.11 6.92
N ASP A 256 -1.65 11.30 7.30
CA ASP A 256 -3.01 11.37 6.76
C ASP A 256 -3.80 12.49 7.45
N VAL A 257 -4.25 13.47 6.67
CA VAL A 257 -5.05 14.58 7.21
C VAL A 257 -6.35 14.70 6.41
N SER A 258 -7.10 13.59 6.40
CA SER A 258 -8.28 13.43 5.54
C SER A 258 -9.60 13.20 6.31
N GLY A 259 -9.52 13.08 7.64
CA GLY A 259 -10.71 12.88 8.44
C GLY A 259 -11.26 11.46 8.31
N GLY A 260 -10.37 10.51 8.08
CA GLY A 260 -10.78 9.12 7.90
C GLY A 260 -11.27 8.69 6.52
N LEU A 261 -10.82 9.36 5.46
CA LEU A 261 -11.29 9.01 4.11
C LEU A 261 -10.54 7.83 3.44
N SER A 262 -9.39 7.47 3.98
CA SER A 262 -8.57 6.42 3.37
C SER A 262 -9.12 5.03 3.67
N ARG A 263 -9.62 4.38 2.62
CA ARG A 263 -10.28 3.09 2.78
C ARG A 263 -9.23 2.00 3.01
N HIS A 264 -7.99 2.36 2.79
CA HIS A 264 -6.90 1.38 2.85
C HIS A 264 -6.43 1.17 4.29
N ALA A 265 -6.18 -0.08 4.65
CA ALA A 265 -5.83 -0.45 6.02
C ALA A 265 -4.40 -0.09 6.35
N PRO B 3 -3.66 20.23 22.75
CA PRO B 3 -2.60 20.92 22.01
C PRO B 3 -1.27 20.92 22.77
N TYR B 4 -0.88 19.76 23.28
CA TYR B 4 0.24 19.63 24.22
C TYR B 4 0.00 20.45 25.50
N ASP B 5 -1.23 20.97 25.60
CA ASP B 5 -1.77 21.33 26.89
C ASP B 5 -2.91 20.35 27.16
N LEU B 6 -2.57 19.24 27.79
CA LEU B 6 -3.50 18.14 27.97
C LEU B 6 -3.95 18.11 29.42
N SER B 7 -3.97 19.27 30.07
CA SER B 7 -4.25 19.33 31.50
C SER B 7 -5.64 18.76 31.82
N GLU B 8 -6.58 18.89 30.90
CA GLU B 8 -7.90 18.35 31.16
C GLU B 8 -8.13 16.96 30.58
N ALA B 9 -7.04 16.28 30.22
CA ALA B 9 -7.12 14.94 29.66
C ALA B 9 -6.89 13.85 30.69
N VAL B 10 -7.56 12.72 30.52
CA VAL B 10 -7.26 11.52 31.27
C VAL B 10 -6.77 10.43 30.30
N ALA B 11 -5.47 10.17 30.35
CA ALA B 11 -4.80 9.30 29.40
C ALA B 11 -4.43 7.96 30.04
N VAL B 12 -4.74 6.86 29.36
CA VAL B 12 -4.40 5.53 29.87
C VAL B 12 -3.34 4.83 28.99
N VAL B 13 -2.25 4.38 29.58
CA VAL B 13 -1.21 3.68 28.85
C VAL B 13 -1.02 2.25 29.34
N THR B 14 -1.37 1.28 28.52
CA THR B 14 -1.11 -0.12 28.85
C THR B 14 0.34 -0.49 28.54
N GLY B 15 0.94 -1.33 29.37
CA GLY B 15 2.37 -1.58 29.30
C GLY B 15 3.16 -0.28 29.33
N GLY B 16 3.16 0.40 30.48
CA GLY B 16 3.79 1.71 30.57
C GLY B 16 4.90 1.84 31.59
N SER B 17 5.42 0.72 32.09
CA SER B 17 6.47 0.79 33.11
C SER B 17 7.90 0.78 32.54
N SER B 18 8.01 0.67 31.21
CA SER B 18 9.31 0.57 30.54
C SER B 18 9.22 1.08 29.11
N GLY B 19 10.38 1.35 28.49
CA GLY B 19 10.46 1.60 27.05
C GLY B 19 9.52 2.66 26.49
N ILE B 20 8.88 2.37 25.35
CA ILE B 20 7.98 3.32 24.70
C ILE B 20 6.79 3.68 25.61
N GLY B 21 6.27 2.70 26.31
CA GLY B 21 5.18 2.94 27.25
C GLY B 21 5.57 4.00 28.27
N LEU B 22 6.71 3.80 28.93
CA LEU B 22 7.17 4.74 29.95
C LEU B 22 7.45 6.16 29.41
N ALA B 23 8.05 6.24 28.22
CA ALA B 23 8.33 7.57 27.65
C ALA B 23 7.03 8.29 27.28
N THR B 24 6.00 7.52 26.96
CA THR B 24 4.70 8.11 26.61
C THR B 24 4.06 8.69 27.85
N VAL B 25 4.14 7.96 28.95
CA VAL B 25 3.62 8.42 30.23
C VAL B 25 4.29 9.74 30.64
N GLU B 26 5.61 9.76 30.56
CA GLU B 26 6.35 10.97 30.87
C GLU B 26 5.87 12.17 30.05
N LEU B 27 5.76 12.00 28.73
CA LEU B 27 5.34 13.09 27.86
C LEU B 27 3.94 13.52 28.23
N LEU B 28 3.07 12.55 28.52
CA LEU B 28 1.73 12.86 29.01
C LEU B 28 1.74 13.68 30.32
N LEU B 29 2.47 13.21 31.31
CA LEU B 29 2.52 13.95 32.57
C LEU B 29 3.04 15.35 32.31
N GLU B 30 4.04 15.45 31.43
CA GLU B 30 4.69 16.71 31.10
C GLU B 30 3.70 17.68 30.42
N ALA B 31 2.75 17.12 29.66
CA ALA B 31 1.71 17.92 29.03
C ALA B 31 0.58 18.27 30.00
N GLY B 32 0.72 17.84 31.26
CA GLY B 32 -0.24 18.13 32.31
C GLY B 32 -1.41 17.16 32.49
N ALA B 33 -1.44 16.10 31.69
CA ALA B 33 -2.53 15.13 31.75
C ALA B 33 -2.53 14.30 33.03
N ALA B 34 -3.70 13.78 33.39
CA ALA B 34 -3.78 12.75 34.42
C ALA B 34 -3.57 11.41 33.72
N VAL B 35 -2.57 10.67 34.16
CA VAL B 35 -2.19 9.44 33.47
C VAL B 35 -2.34 8.21 34.36
N ALA B 36 -2.89 7.15 33.77
CA ALA B 36 -2.91 5.84 34.39
C ALA B 36 -2.11 4.87 33.53
N PHE B 37 -1.40 3.95 34.16
CA PHE B 37 -0.73 2.93 33.39
C PHE B 37 -0.70 1.57 34.10
N CYS B 38 -0.59 0.51 33.30
CA CYS B 38 -0.48 -0.83 33.84
C CYS B 38 0.69 -1.58 33.22
N ALA B 39 0.96 -2.77 33.75
CA ALA B 39 2.09 -3.57 33.36
C ALA B 39 2.04 -4.81 34.24
N ARG B 40 2.86 -5.81 33.90
CA ARG B 40 2.80 -7.08 34.60
C ARG B 40 3.73 -7.10 35.80
N ASP B 41 4.99 -6.77 35.59
CA ASP B 41 5.95 -6.82 36.69
C ASP B 41 5.61 -5.75 37.71
N GLY B 42 5.19 -6.17 38.90
CA GLY B 42 4.79 -5.24 39.94
C GLY B 42 5.94 -4.36 40.38
N GLU B 43 7.11 -4.96 40.57
CA GLU B 43 8.28 -4.24 41.05
C GLU B 43 8.71 -3.17 40.06
N ARG B 44 8.73 -3.52 38.78
CA ARG B 44 9.05 -2.60 37.70
C ARG B 44 8.04 -1.44 37.69
N LEU B 45 6.78 -1.77 37.88
CA LEU B 45 5.71 -0.79 37.88
C LEU B 45 5.88 0.21 39.03
N ARG B 46 6.13 -0.32 40.23
CA ARG B 46 6.28 0.50 41.43
C ARG B 46 7.45 1.44 41.29
N ALA B 47 8.58 0.89 40.85
CA ALA B 47 9.80 1.66 40.70
C ALA B 47 9.59 2.83 39.74
N ALA B 48 8.99 2.55 38.58
CA ALA B 48 8.72 3.59 37.58
C ALA B 48 7.73 4.61 38.11
N GLU B 49 6.73 4.14 38.86
CA GLU B 49 5.77 5.03 39.52
C GLU B 49 6.44 6.06 40.46
N SER B 50 7.29 5.59 41.37
CA SER B 50 7.90 6.52 42.32
C SER B 50 8.87 7.51 41.64
N ALA B 51 9.57 7.03 40.62
CA ALA B 51 10.45 7.89 39.83
C ALA B 51 9.67 8.98 39.10
N LEU B 52 8.52 8.60 38.55
CA LEU B 52 7.63 9.56 37.89
C LEU B 52 7.18 10.66 38.85
N ARG B 53 6.79 10.27 40.06
CA ARG B 53 6.33 11.24 41.07
C ARG B 53 7.41 12.20 41.53
N GLN B 54 8.66 11.73 41.57
CA GLN B 54 9.77 12.62 41.87
C GLN B 54 9.94 13.67 40.78
N ARG B 55 9.96 13.20 39.53
CA ARG B 55 10.15 14.08 38.38
C ARG B 55 8.96 15.00 38.16
N PHE B 56 7.77 14.51 38.48
CA PHE B 56 6.56 15.29 38.25
C PHE B 56 5.79 15.53 39.56
N PRO B 57 6.31 16.42 40.42
CA PRO B 57 5.60 16.67 41.68
C PRO B 57 4.19 17.20 41.43
N GLY B 58 3.21 16.64 42.11
CA GLY B 58 1.83 17.09 41.99
C GLY B 58 1.06 16.36 40.88
N ALA B 59 1.76 15.48 40.17
CA ALA B 59 1.16 14.72 39.09
C ALA B 59 0.01 13.82 39.57
N ARG B 60 -1.06 13.77 38.78
CA ARG B 60 -2.15 12.83 38.99
C ARG B 60 -1.81 11.55 38.23
N LEU B 61 -1.45 10.53 38.98
CA LEU B 61 -0.83 9.33 38.41
C LEU B 61 -1.36 8.11 39.13
N PHE B 62 -1.82 7.14 38.34
CA PHE B 62 -2.37 5.92 38.86
C PHE B 62 -1.76 4.74 38.12
N ALA B 63 -1.03 3.90 38.85
CA ALA B 63 -0.37 2.75 38.26
C ALA B 63 -0.90 1.49 38.93
N SER B 64 -1.25 0.49 38.14
CA SER B 64 -1.81 -0.75 38.65
C SER B 64 -1.31 -1.97 37.90
N VAL B 65 -0.92 -3.02 38.62
CA VAL B 65 -0.53 -4.28 38.01
C VAL B 65 -1.71 -4.87 37.26
N CYS B 66 -1.49 -5.21 35.99
CA CYS B 66 -2.56 -5.73 35.17
C CYS B 66 -2.05 -6.58 34.02
N ASP B 67 -2.76 -7.67 33.75
CA ASP B 67 -2.51 -8.47 32.57
C ASP B 67 -3.53 -8.14 31.48
N VAL B 68 -3.11 -7.42 30.45
CA VAL B 68 -4.05 -7.07 29.37
C VAL B 68 -4.64 -8.30 28.64
N LEU B 69 -3.96 -9.44 28.73
CA LEU B 69 -4.47 -10.66 28.09
C LEU B 69 -5.64 -11.22 28.88
N ASP B 70 -5.75 -10.82 30.13
CA ASP B 70 -6.84 -11.28 30.99
C ASP B 70 -8.01 -10.30 30.97
N ALA B 71 -9.11 -10.72 30.35
CA ALA B 71 -10.27 -9.84 30.18
C ALA B 71 -10.81 -9.26 31.49
N LEU B 72 -10.88 -10.07 32.54
CA LEU B 72 -11.43 -9.61 33.82
C LEU B 72 -10.53 -8.57 34.50
N GLN B 73 -9.24 -8.82 34.51
CA GLN B 73 -8.28 -7.87 35.06
C GLN B 73 -8.39 -6.49 34.39
N VAL B 74 -8.61 -6.49 33.08
CA VAL B 74 -8.69 -5.23 32.33
C VAL B 74 -9.97 -4.47 32.67
N ARG B 75 -11.06 -5.20 32.88
CA ARG B 75 -12.30 -4.56 33.28
C ARG B 75 -12.16 -3.89 34.66
N ALA B 76 -11.43 -4.54 35.56
CA ALA B 76 -11.18 -3.98 36.89
C ALA B 76 -10.25 -2.78 36.84
N PHE B 77 -9.22 -2.87 36.02
CA PHE B 77 -8.28 -1.76 35.88
C PHE B 77 -8.96 -0.52 35.30
N ALA B 78 -9.96 -0.72 34.45
CA ALA B 78 -10.67 0.42 33.85
C ALA B 78 -11.57 1.09 34.89
N GLU B 79 -12.17 0.26 35.73
CA GLU B 79 -12.99 0.70 36.85
C GLU B 79 -12.19 1.60 37.78
N ALA B 80 -11.07 1.09 38.25
CA ALA B 80 -10.20 1.84 39.15
C ALA B 80 -9.75 3.15 38.50
N CYS B 81 -9.47 3.10 37.20
CA CYS B 81 -9.05 4.30 36.45
C CYS B 81 -10.10 5.41 36.46
N GLU B 82 -11.34 5.07 36.14
CA GLU B 82 -12.39 6.08 36.17
C GLU B 82 -12.61 6.59 37.60
N ARG B 83 -12.65 5.68 38.56
CA ARG B 83 -12.82 6.04 39.97
C ARG B 83 -11.70 6.96 40.44
N THR B 84 -10.47 6.61 40.07
CA THR B 84 -9.29 7.34 40.52
C THR B 84 -9.07 8.67 39.81
N LEU B 85 -9.21 8.71 38.49
CA LEU B 85 -8.86 9.90 37.72
C LEU B 85 -10.02 10.55 36.99
N GLY B 86 -11.10 9.79 36.79
CA GLY B 86 -12.18 10.23 35.93
C GLY B 86 -12.11 9.50 34.59
N CYS B 87 -13.16 9.63 33.79
CA CYS B 87 -13.27 8.90 32.53
C CYS B 87 -12.11 9.20 31.59
N ALA B 88 -11.54 8.14 31.01
CA ALA B 88 -10.42 8.29 30.10
C ALA B 88 -10.81 9.05 28.83
N SER B 89 -9.89 9.85 28.31
CA SER B 89 -10.10 10.56 27.06
C SER B 89 -9.10 10.09 26.00
N ILE B 90 -8.00 9.49 26.46
CA ILE B 90 -6.93 9.02 25.61
C ILE B 90 -6.56 7.62 26.06
N LEU B 91 -6.33 6.72 25.10
CA LEU B 91 -5.90 5.35 25.39
C LEU B 91 -4.74 4.97 24.47
N VAL B 92 -3.66 4.46 25.06
CA VAL B 92 -2.49 4.05 24.29
C VAL B 92 -2.18 2.61 24.61
N ASN B 93 -2.30 1.73 23.62
CA ASN B 93 -1.99 0.31 23.80
C ASN B 93 -0.59 0.03 23.31
N ASN B 94 0.30 -0.24 24.25
CA ASN B 94 1.72 -0.37 23.96
C ASN B 94 2.09 -1.83 23.79
N ALA B 95 2.32 -2.20 22.53
CA ALA B 95 2.58 -3.57 22.10
C ALA B 95 3.49 -4.35 23.03
N GLY B 96 3.08 -5.57 23.36
CA GLY B 96 3.86 -6.44 24.24
C GLY B 96 5.31 -6.56 23.82
N GLN B 97 5.56 -7.32 22.74
CA GLN B 97 6.91 -7.57 22.26
C GLN B 97 6.88 -8.31 20.94
N GLY B 98 8.04 -8.39 20.27
CA GLY B 98 8.17 -9.18 19.07
C GLY B 98 8.62 -10.60 19.36
N ARG B 99 8.76 -11.41 18.31
CA ARG B 99 9.22 -12.78 18.43
C ARG B 99 10.07 -13.14 17.23
N VAL B 100 11.31 -13.57 17.49
CA VAL B 100 12.22 -13.95 16.44
C VAL B 100 11.97 -15.41 16.01
N SER B 101 11.50 -15.59 14.77
CA SER B 101 11.20 -16.91 14.25
C SER B 101 10.85 -16.83 12.78
N THR B 102 11.43 -17.73 11.99
CA THR B 102 11.01 -17.96 10.61
C THR B 102 9.73 -18.75 10.66
N PHE B 103 9.09 -18.96 9.51
CA PHE B 103 7.90 -19.79 9.41
C PHE B 103 8.19 -21.22 9.88
N ALA B 104 9.35 -21.74 9.45
CA ALA B 104 9.72 -23.11 9.74
C ALA B 104 9.84 -23.29 11.24
N GLU B 105 10.25 -22.22 11.94
CA GLU B 105 10.50 -22.25 13.37
C GLU B 105 9.29 -21.89 14.23
N THR B 106 8.13 -21.63 13.63
CA THR B 106 7.00 -21.18 14.44
C THR B 106 5.97 -22.27 14.67
N THR B 107 6.04 -22.92 15.84
CA THR B 107 5.07 -23.96 16.16
C THR B 107 3.67 -23.37 16.26
N ASP B 108 2.69 -24.26 16.27
CA ASP B 108 1.30 -23.89 16.48
C ASP B 108 1.13 -23.13 17.79
N GLU B 109 1.79 -23.61 18.83
CA GLU B 109 1.70 -22.98 20.15
C GLU B 109 2.21 -21.54 20.08
N ALA B 110 3.37 -21.35 19.45
CA ALA B 110 3.93 -20.01 19.25
C ALA B 110 3.02 -19.12 18.41
N TRP B 111 2.41 -19.68 17.37
CA TRP B 111 1.45 -18.92 16.56
C TRP B 111 0.30 -18.39 17.41
N SER B 112 -0.39 -19.30 18.09
CA SER B 112 -1.46 -18.91 19.00
C SER B 112 -1.02 -17.85 20.00
N GLU B 113 0.05 -18.15 20.72
CA GLU B 113 0.59 -17.19 21.69
C GLU B 113 0.85 -15.81 21.10
N GLU B 114 1.39 -15.76 19.87
CA GLU B 114 1.72 -14.47 19.25
C GLU B 114 0.46 -13.71 18.85
N LEU B 115 -0.47 -14.43 18.22
CA LEU B 115 -1.77 -13.92 17.78
C LEU B 115 -2.57 -13.32 18.91
N GLN B 116 -2.72 -14.09 19.98
CA GLN B 116 -3.52 -13.66 21.12
C GLN B 116 -2.91 -12.41 21.74
N LEU B 117 -1.58 -12.40 21.85
CA LEU B 117 -0.91 -11.24 22.44
C LEU B 117 -1.21 -9.94 21.67
N LYS B 118 -0.94 -9.95 20.36
CA LYS B 118 -1.12 -8.76 19.54
C LYS B 118 -2.58 -8.33 19.46
N PHE B 119 -3.49 -9.27 19.27
CA PHE B 119 -4.88 -8.91 19.11
C PHE B 119 -5.56 -8.49 20.43
N PHE B 120 -5.42 -9.31 21.46
CA PHE B 120 -6.16 -9.03 22.69
C PHE B 120 -5.56 -7.90 23.51
N SER B 121 -4.27 -7.62 23.31
CA SER B 121 -3.65 -6.50 24.02
C SER B 121 -4.26 -5.18 23.56
N VAL B 122 -4.94 -5.25 22.41
CA VAL B 122 -5.70 -4.13 21.86
C VAL B 122 -7.19 -4.26 22.13
N ILE B 123 -7.76 -5.41 21.76
CA ILE B 123 -9.20 -5.65 21.95
C ILE B 123 -9.69 -5.43 23.41
N HIS B 124 -8.93 -5.90 24.38
CA HIS B 124 -9.38 -5.80 25.78
C HIS B 124 -9.42 -4.37 26.32
N PRO B 125 -8.30 -3.64 26.24
CA PRO B 125 -8.32 -2.27 26.70
C PRO B 125 -9.36 -1.45 25.94
N VAL B 126 -9.45 -1.63 24.63
CA VAL B 126 -10.38 -0.84 23.84
C VAL B 126 -11.82 -1.11 24.26
N ARG B 127 -12.19 -2.38 24.35
CA ARG B 127 -13.54 -2.76 24.73
C ARG B 127 -13.91 -2.22 26.11
N ALA B 128 -12.93 -2.24 27.02
CA ALA B 128 -13.16 -1.84 28.40
C ALA B 128 -13.27 -0.34 28.57
N PHE B 129 -12.46 0.41 27.84
CA PHE B 129 -12.42 1.85 28.02
C PHE B 129 -13.35 2.61 27.07
N LEU B 130 -13.88 1.91 26.08
CA LEU B 130 -14.69 2.55 25.03
C LEU B 130 -15.82 3.39 25.62
N PRO B 131 -16.60 2.79 26.57
CA PRO B 131 -17.64 3.56 27.25
C PRO B 131 -17.12 4.88 27.79
N GLN B 132 -15.92 4.87 28.37
CA GLN B 132 -15.32 6.11 28.85
C GLN B 132 -14.92 7.06 27.72
N LEU B 133 -14.18 6.56 26.72
CA LEU B 133 -13.70 7.42 25.64
C LEU B 133 -14.87 8.09 24.95
N GLU B 134 -15.96 7.35 24.78
CA GLU B 134 -17.11 7.84 24.02
C GLU B 134 -17.95 8.86 24.79
N SER B 135 -17.68 9.01 26.09
CA SER B 135 -18.39 9.98 26.90
C SER B 135 -17.65 11.32 26.98
N ARG B 136 -16.43 11.35 26.44
CA ARG B 136 -15.57 12.53 26.54
C ARG B 136 -15.56 13.32 25.24
N ALA B 137 -14.88 14.46 25.28
CA ALA B 137 -14.57 15.23 24.07
C ALA B 137 -13.09 15.09 23.75
N ASP B 138 -12.73 15.22 22.47
CA ASP B 138 -11.34 15.04 22.03
C ASP B 138 -10.82 13.64 22.33
N ALA B 139 -11.70 12.63 22.28
CA ALA B 139 -11.27 11.26 22.60
C ALA B 139 -10.40 10.64 21.51
N ALA B 140 -9.31 9.99 21.90
CA ALA B 140 -8.43 9.35 20.93
C ALA B 140 -7.81 8.06 21.45
N ILE B 141 -7.56 7.14 20.52
CA ILE B 141 -6.89 5.88 20.79
C ILE B 141 -5.66 5.77 19.90
N VAL B 142 -4.52 5.41 20.49
CA VAL B 142 -3.35 5.09 19.69
C VAL B 142 -2.91 3.66 19.98
N CYS B 143 -2.78 2.85 18.93
CA CYS B 143 -2.23 1.50 19.07
C CYS B 143 -0.79 1.49 18.57
N VAL B 144 0.11 0.98 19.39
CA VAL B 144 1.52 0.96 19.04
C VAL B 144 1.77 -0.25 18.17
N ASN B 145 2.29 -0.02 16.96
CA ASN B 145 2.54 -1.13 16.05
C ASN B 145 3.94 -1.01 15.44
N SER B 146 4.26 -1.88 14.47
CA SER B 146 5.59 -1.95 13.89
C SER B 146 5.51 -1.97 12.36
N LEU B 147 6.57 -1.51 11.71
CA LEU B 147 6.62 -1.48 10.25
C LEU B 147 6.45 -2.89 9.69
N LEU B 148 6.72 -3.89 10.52
CA LEU B 148 6.49 -5.29 10.18
C LEU B 148 5.06 -5.50 9.69
N ALA B 149 4.13 -4.69 10.17
CA ALA B 149 2.71 -4.80 9.80
C ALA B 149 2.47 -4.65 8.30
N SER B 150 3.28 -3.84 7.65
CA SER B 150 3.10 -3.65 6.21
C SER B 150 4.35 -4.05 5.42
N GLN B 151 5.44 -4.33 6.12
CA GLN B 151 6.68 -4.72 5.48
C GLN B 151 7.39 -5.79 6.32
N PRO B 152 7.04 -7.07 6.09
CA PRO B 152 7.47 -8.23 6.88
C PRO B 152 8.99 -8.45 6.83
N GLU B 153 9.55 -9.04 7.88
CA GLU B 153 10.95 -9.43 7.91
C GLU B 153 11.08 -10.95 8.19
N PRO B 154 12.04 -11.61 7.51
CA PRO B 154 12.21 -13.07 7.49
C PRO B 154 12.28 -13.72 8.87
N HIS B 155 12.91 -13.07 9.85
CA HIS B 155 13.02 -13.68 11.17
C HIS B 155 11.93 -13.24 12.14
N MET B 156 10.91 -12.60 11.59
CA MET B 156 9.79 -12.13 12.40
C MET B 156 8.46 -12.51 11.77
N VAL B 157 8.33 -13.76 11.33
CA VAL B 157 7.19 -14.12 10.50
C VAL B 157 5.85 -13.99 11.23
N ALA B 158 5.74 -14.57 12.42
CA ALA B 158 4.45 -14.59 13.09
C ALA B 158 4.06 -13.21 13.59
N THR B 159 5.04 -12.49 14.13
CA THR B 159 4.82 -11.14 14.64
CA THR B 159 4.78 -11.15 14.64
C THR B 159 4.37 -10.17 13.52
N SER B 160 5.03 -10.23 12.38
CA SER B 160 4.63 -9.40 11.22
C SER B 160 3.17 -9.61 10.82
N ALA B 161 2.79 -10.88 10.73
CA ALA B 161 1.43 -11.29 10.36
C ALA B 161 0.40 -10.88 11.39
N ALA B 162 0.71 -11.13 12.66
CA ALA B 162 -0.15 -10.65 13.74
C ALA B 162 -0.25 -9.11 13.72
N ARG B 163 0.88 -8.42 13.50
CA ARG B 163 0.86 -6.96 13.50
C ARG B 163 0.08 -6.38 12.31
N ALA B 164 0.08 -7.09 11.17
CA ALA B 164 -0.72 -6.67 10.02
C ALA B 164 -2.21 -6.72 10.38
N GLY B 165 -2.60 -7.78 11.06
CA GLY B 165 -3.96 -7.88 11.55
C GLY B 165 -4.37 -6.68 12.37
N VAL B 166 -3.52 -6.29 13.31
CA VAL B 166 -3.84 -5.16 14.18
C VAL B 166 -3.90 -3.84 13.41
N LYS B 167 -2.99 -3.68 12.44
CA LYS B 167 -3.02 -2.49 11.58
C LYS B 167 -4.36 -2.38 10.89
N ASN B 168 -4.83 -3.49 10.34
CA ASN B 168 -6.14 -3.56 9.71
C ASN B 168 -7.25 -3.20 10.68
N LEU B 169 -7.18 -3.76 11.90
CA LEU B 169 -8.20 -3.52 12.92
C LEU B 169 -8.24 -2.05 13.32
N VAL B 170 -7.08 -1.40 13.36
CA VAL B 170 -7.07 0.01 13.65
C VAL B 170 -7.91 0.80 12.66
N ARG B 171 -7.80 0.48 11.37
CA ARG B 171 -8.64 1.13 10.36
C ARG B 171 -10.14 0.90 10.63
N SER B 172 -10.51 -0.34 10.92
CA SER B 172 -11.91 -0.66 11.26
C SER B 172 -12.44 0.08 12.49
N MET B 173 -11.67 0.10 13.58
CA MET B 173 -12.10 0.78 14.80
C MET B 173 -12.30 2.28 14.55
N ALA B 174 -11.39 2.88 13.78
CA ALA B 174 -11.49 4.31 13.47
C ALA B 174 -12.82 4.62 12.79
N PHE B 175 -13.16 3.83 11.78
CA PHE B 175 -14.43 3.98 11.08
C PHE B 175 -15.63 3.72 11.98
N GLU B 176 -15.54 2.67 12.79
CA GLU B 176 -16.66 2.28 13.64
C GLU B 176 -16.89 3.27 14.79
N PHE B 177 -15.80 3.83 15.35
CA PHE B 177 -15.91 4.72 16.51
C PHE B 177 -16.05 6.19 16.13
N ALA B 178 -15.91 6.47 14.85
CA ALA B 178 -15.95 7.85 14.34
C ALA B 178 -17.21 8.61 14.75
N PRO B 179 -18.38 8.00 14.55
CA PRO B 179 -19.61 8.68 14.93
C PRO B 179 -19.66 9.10 16.40
N LYS B 180 -18.83 8.47 17.22
CA LYS B 180 -18.83 8.73 18.66
C LYS B 180 -17.70 9.66 19.07
N GLY B 181 -16.99 10.19 18.09
CA GLY B 181 -15.96 11.19 18.34
C GLY B 181 -14.59 10.63 18.68
N VAL B 182 -14.46 9.32 18.76
CA VAL B 182 -13.19 8.72 19.13
C VAL B 182 -12.33 8.43 17.90
N ARG B 183 -11.18 9.11 17.79
CA ARG B 183 -10.23 8.85 16.72
C ARG B 183 -9.35 7.66 17.08
N VAL B 184 -8.87 6.95 16.06
CA VAL B 184 -8.05 5.76 16.29
C VAL B 184 -6.92 5.70 15.28
N ASN B 185 -5.68 5.70 15.76
CA ASN B 185 -4.52 5.65 14.88
C ASN B 185 -3.48 4.67 15.42
N GLY B 186 -2.39 4.48 14.67
CA GLY B 186 -1.25 3.76 15.20
C GLY B 186 0.07 4.40 14.80
N ILE B 187 1.16 3.91 15.38
CA ILE B 187 2.49 4.21 14.88
C ILE B 187 3.11 2.91 14.34
N LEU B 188 4.12 3.04 13.45
CA LEU B 188 4.79 1.86 12.95
C LEU B 188 6.27 2.00 13.24
N ILE B 189 6.73 1.42 14.35
CA ILE B 189 8.12 1.60 14.75
C ILE B 189 9.06 0.77 13.89
N GLY B 190 10.30 1.21 13.78
CA GLY B 190 11.32 0.41 13.13
C GLY B 190 12.12 -0.33 14.20
N LEU B 191 13.43 -0.17 14.16
CA LEU B 191 14.29 -0.62 15.23
C LEU B 191 14.45 0.52 16.25
N VAL B 192 13.92 0.27 17.45
CA VAL B 192 13.89 1.24 18.52
C VAL B 192 14.50 0.62 19.77
N GLU B 193 15.57 1.22 20.29
CA GLU B 193 16.17 0.83 21.57
C GLU B 193 15.12 0.31 22.56
N SER B 194 15.46 -0.77 23.24
CA SER B 194 14.53 -1.45 24.11
C SER B 194 15.26 -2.55 24.85
N GLY B 195 14.54 -3.24 25.72
CA GLY B 195 15.09 -4.38 26.43
C GLY B 195 15.58 -5.46 25.48
N GLN B 196 14.83 -5.69 24.40
CA GLN B 196 15.23 -6.68 23.40
C GLN B 196 16.60 -6.39 22.80
N TRP B 197 16.79 -5.18 22.26
CA TRP B 197 18.10 -4.79 21.73
C TRP B 197 19.16 -4.76 22.83
N ARG B 198 18.75 -4.33 24.03
CA ARG B 198 19.67 -4.34 25.17
C ARG B 198 20.12 -5.77 25.50
N ARG B 199 19.16 -6.68 25.58
CA ARG B 199 19.45 -8.10 25.82
C ARG B 199 20.26 -8.67 24.68
N ARG B 200 19.90 -8.30 23.46
CA ARG B 200 20.62 -8.76 22.28
C ARG B 200 22.07 -8.27 22.33
N PHE B 201 22.28 -7.08 22.89
CA PHE B 201 23.62 -6.52 23.04
C PHE B 201 24.41 -7.23 24.15
N GLU B 202 23.71 -7.82 25.10
CA GLU B 202 24.36 -8.62 26.15
C GLU B 202 24.85 -9.95 25.57
N ALA B 203 24.08 -10.53 24.67
CA ALA B 203 24.40 -11.83 24.09
C ALA B 203 25.24 -11.72 22.83
N ARG B 204 25.84 -10.55 22.61
CA ARG B 204 26.54 -10.29 21.35
C ARG B 204 27.83 -11.09 21.25
N GLU B 205 28.31 -11.24 20.02
CA GLU B 205 29.56 -11.94 19.75
C GLU B 205 30.73 -10.96 19.63
N GLU B 206 30.44 -9.76 19.12
CA GLU B 206 31.45 -8.71 18.99
C GLU B 206 31.68 -8.03 20.34
N ARG B 207 32.55 -8.62 21.15
CA ARG B 207 32.79 -8.13 22.49
C ARG B 207 33.52 -6.80 22.52
N GLU B 208 34.34 -6.56 21.50
CA GLU B 208 35.12 -5.32 21.43
C GLU B 208 34.22 -4.11 21.34
N LEU B 209 33.01 -4.28 20.80
CA LEU B 209 32.12 -3.15 20.60
C LEU B 209 31.28 -2.81 21.85
N ASP B 210 31.18 -1.52 22.15
CA ASP B 210 30.32 -1.07 23.24
C ASP B 210 28.91 -0.85 22.72
N TRP B 211 28.02 -0.40 23.60
CA TRP B 211 26.66 -0.08 23.21
C TRP B 211 26.61 0.89 22.03
N ALA B 212 27.35 1.99 22.13
CA ALA B 212 27.31 3.01 21.07
C ALA B 212 27.78 2.46 19.72
N GLN B 213 28.90 1.74 19.74
CA GLN B 213 29.46 1.18 18.51
C GLN B 213 28.61 0.05 17.94
N TRP B 214 28.04 -0.76 18.84
CA TRP B 214 27.27 -1.92 18.42
C TRP B 214 25.97 -1.51 17.77
N THR B 215 25.33 -0.49 18.34
CA THR B 215 24.08 -0.01 17.79
C THR B 215 24.28 0.69 16.44
N ALA B 216 25.42 1.35 16.27
CA ALA B 216 25.70 1.99 14.99
C ALA B 216 25.97 0.92 13.92
N GLN B 217 26.76 -0.08 14.29
CA GLN B 217 27.00 -1.21 13.42
C GLN B 217 25.68 -1.87 13.02
N LEU B 218 24.81 -2.04 14.00
CA LEU B 218 23.50 -2.65 13.77
C LEU B 218 22.64 -1.82 12.83
N ALA B 219 22.70 -0.49 12.97
CA ALA B 219 21.88 0.40 12.16
C ALA B 219 22.37 0.41 10.72
N ARG B 220 23.68 0.38 10.55
CA ARG B 220 24.27 0.24 9.23
C ARG B 220 23.85 -1.10 8.62
N ASN B 221 24.07 -2.19 9.34
CA ASN B 221 23.65 -3.50 8.88
C ASN B 221 22.17 -3.60 8.50
N LYS B 222 21.32 -2.86 9.20
CA LYS B 222 19.89 -2.88 8.90
C LYS B 222 19.52 -1.90 7.81
N GLN B 223 20.48 -1.14 7.33
CA GLN B 223 20.25 -0.17 6.25
C GLN B 223 19.19 0.86 6.62
N ILE B 224 19.23 1.30 7.88
CA ILE B 224 18.36 2.38 8.33
C ILE B 224 18.91 3.67 7.72
N PRO B 225 18.11 4.35 6.89
CA PRO B 225 18.65 5.54 6.22
C PRO B 225 19.15 6.60 7.20
N LEU B 226 18.46 6.80 8.31
CA LEU B 226 18.87 7.79 9.31
C LEU B 226 20.08 7.31 10.12
N GLY B 227 20.48 6.07 9.88
CA GLY B 227 21.76 5.59 10.34
C GLY B 227 21.90 5.35 11.85
N ARG B 228 20.78 5.20 12.53
CA ARG B 228 20.79 4.87 13.95
C ARG B 228 19.47 4.23 14.32
N LEU B 229 19.44 3.59 15.49
CA LEU B 229 18.21 3.04 16.04
C LEU B 229 17.33 4.18 16.56
N GLY B 230 16.02 3.95 16.57
CA GLY B 230 15.09 4.90 17.18
C GLY B 230 15.20 4.97 18.70
N LYS B 231 14.68 6.06 19.27
CA LYS B 231 14.59 6.22 20.72
C LYS B 231 13.14 6.11 21.15
N PRO B 232 12.88 5.48 22.30
CA PRO B 232 11.52 5.40 22.82
C PRO B 232 10.83 6.76 22.86
N ILE B 233 11.56 7.82 23.24
CA ILE B 233 10.95 9.15 23.29
C ILE B 233 10.46 9.61 21.93
N GLU B 234 11.20 9.26 20.88
CA GLU B 234 10.78 9.60 19.50
C GLU B 234 9.47 8.92 19.15
N ALA B 235 9.35 7.64 19.50
CA ALA B 235 8.09 6.94 19.29
C ALA B 235 6.98 7.59 20.13
N ALA B 236 7.31 7.91 21.38
CA ALA B 236 6.37 8.52 22.31
C ALA B 236 5.83 9.83 21.74
N ARG B 237 6.71 10.60 21.12
CA ARG B 237 6.33 11.88 20.54
C ARG B 237 5.30 11.76 19.43
N ALA B 238 5.45 10.75 18.57
CA ALA B 238 4.46 10.50 17.51
C ALA B 238 3.13 10.09 18.12
N ILE B 239 3.19 9.31 19.19
CA ILE B 239 1.99 8.87 19.88
C ILE B 239 1.30 10.09 20.50
N LEU B 240 2.10 10.99 21.07
CA LEU B 240 1.54 12.20 21.70
C LEU B 240 0.79 13.07 20.71
N PHE B 241 1.35 13.21 19.52
CA PHE B 241 0.71 13.96 18.45
C PHE B 241 -0.64 13.32 18.07
N LEU B 242 -0.63 12.01 17.84
CA LEU B 242 -1.88 11.29 17.49
C LEU B 242 -2.93 11.27 18.61
N ALA B 243 -2.48 11.30 19.87
CA ALA B 243 -3.41 11.29 20.99
C ALA B 243 -4.01 12.67 21.27
N SER B 244 -3.35 13.72 20.80
CA SER B 244 -3.74 15.08 21.16
C SER B 244 -4.64 15.73 20.14
N PRO B 245 -5.28 16.85 20.49
CA PRO B 245 -6.15 17.57 19.55
C PRO B 245 -5.37 18.15 18.37
N LEU B 246 -4.05 18.08 18.44
CA LEU B 246 -3.23 18.53 17.33
C LEU B 246 -3.42 17.66 16.07
N SER B 247 -3.93 16.45 16.25
CA SER B 247 -4.16 15.53 15.12
C SER B 247 -5.66 15.36 14.88
N ALA B 248 -6.40 16.42 15.20
CA ALA B 248 -7.87 16.37 15.27
C ALA B 248 -8.56 15.87 14.00
N TYR B 249 -7.92 16.01 12.85
CA TYR B 249 -8.54 15.59 11.59
C TYR B 249 -7.83 14.36 11.00
N THR B 250 -7.26 13.54 11.89
CA THR B 250 -6.52 12.35 11.51
C THR B 250 -7.12 11.13 12.19
N THR B 251 -7.76 10.26 11.44
CA THR B 251 -8.23 9.02 12.02
C THR B 251 -8.09 7.87 11.04
N GLY B 252 -7.82 6.68 11.59
CA GLY B 252 -7.70 5.48 10.79
C GLY B 252 -6.38 5.43 10.03
N SER B 253 -5.33 5.98 10.63
CA SER B 253 -4.06 6.10 9.91
C SER B 253 -2.90 5.68 10.78
N HIS B 254 -1.70 5.80 10.25
CA HIS B 254 -0.50 5.46 10.99
C HIS B 254 0.62 6.45 10.74
N ILE B 255 1.47 6.64 11.75
CA ILE B 255 2.69 7.39 11.56
C ILE B 255 3.89 6.45 11.58
N ASP B 256 4.77 6.64 10.60
CA ASP B 256 5.95 5.82 10.40
C ASP B 256 7.04 6.29 11.34
N VAL B 257 7.51 5.42 12.22
CA VAL B 257 8.63 5.77 13.09
C VAL B 257 9.78 4.78 12.97
N SER B 258 10.25 4.60 11.74
CA SER B 258 11.22 3.57 11.42
C SER B 258 12.55 4.12 10.86
N GLY B 259 12.70 5.45 10.85
CA GLY B 259 13.94 6.05 10.39
C GLY B 259 14.19 5.80 8.92
N GLY B 260 13.11 5.77 8.14
CA GLY B 260 13.16 5.57 6.69
C GLY B 260 13.28 4.14 6.18
N LEU B 261 12.80 3.16 6.93
CA LEU B 261 12.91 1.76 6.46
C LEU B 261 11.84 1.33 5.48
N SER B 262 10.72 2.06 5.42
CA SER B 262 9.63 1.62 4.58
C SER B 262 9.97 1.93 3.11
N ARG B 263 10.08 0.87 2.31
CA ARG B 263 10.47 0.98 0.91
C ARG B 263 9.26 1.37 0.05
N HIS B 264 8.04 1.21 0.57
CA HIS B 264 6.86 1.57 -0.21
C HIS B 264 6.79 3.09 -0.44
N ALA B 265 6.26 3.51 -1.58
CA ALA B 265 6.13 4.93 -1.87
C ALA B 265 5.00 5.51 -1.03
N ASP C 5 -0.63 -29.40 -20.49
CA ASP C 5 -0.75 -28.14 -19.74
C ASP C 5 -0.24 -28.30 -18.31
N LEU C 6 -1.05 -28.92 -17.45
CA LEU C 6 -0.64 -29.22 -16.07
C LEU C 6 -0.63 -30.72 -15.81
N SER C 7 -0.57 -31.50 -16.88
CA SER C 7 -0.66 -32.96 -16.79
C SER C 7 0.46 -33.54 -15.94
N GLU C 8 1.55 -32.80 -15.78
CA GLU C 8 2.65 -33.27 -14.94
C GLU C 8 2.49 -32.82 -13.47
N ALA C 9 1.41 -32.11 -13.18
CA ALA C 9 1.23 -31.52 -11.85
C ALA C 9 0.41 -32.38 -10.85
N VAL C 10 0.75 -32.26 -9.57
CA VAL C 10 -0.05 -32.83 -8.49
C VAL C 10 -0.58 -31.67 -7.66
N ALA C 11 -1.86 -31.35 -7.83
CA ALA C 11 -2.47 -30.21 -7.15
C ALA C 11 -3.39 -30.58 -6.00
N VAL C 12 -3.11 -30.02 -4.82
CA VAL C 12 -3.90 -30.26 -3.62
C VAL C 12 -4.74 -29.01 -3.33
N VAL C 13 -6.03 -29.18 -3.11
CA VAL C 13 -6.91 -28.07 -2.83
C VAL C 13 -7.63 -28.30 -1.52
N THR C 14 -7.21 -27.62 -0.45
CA THR C 14 -7.91 -27.72 0.82
C THR C 14 -9.17 -26.85 0.78
N GLY C 15 -10.30 -27.43 1.19
CA GLY C 15 -11.59 -26.77 1.08
C GLY C 15 -12.17 -26.88 -0.32
N GLY C 16 -11.98 -28.02 -0.97
CA GLY C 16 -12.31 -28.15 -2.37
C GLY C 16 -13.63 -28.79 -2.72
N SER C 17 -14.56 -28.87 -1.78
CA SER C 17 -15.84 -29.55 -2.04
C SER C 17 -16.97 -28.63 -2.50
N SER C 18 -16.76 -27.32 -2.44
CA SER C 18 -17.74 -26.37 -2.96
C SER C 18 -17.14 -25.00 -3.25
N GLY C 19 -17.98 -24.12 -3.81
CA GLY C 19 -17.57 -22.76 -4.14
C GLY C 19 -16.30 -22.64 -4.97
N ILE C 20 -15.44 -21.71 -4.56
CA ILE C 20 -14.19 -21.43 -5.25
C ILE C 20 -13.28 -22.65 -5.20
N GLY C 21 -13.26 -23.33 -4.06
CA GLY C 21 -12.50 -24.56 -3.92
C GLY C 21 -12.81 -25.58 -5.02
N LEU C 22 -14.09 -25.91 -5.16
CA LEU C 22 -14.53 -26.88 -6.17
C LEU C 22 -14.26 -26.38 -7.59
N ALA C 23 -14.46 -25.08 -7.82
CA ALA C 23 -14.22 -24.50 -9.13
C ALA C 23 -12.74 -24.65 -9.54
N THR C 24 -11.84 -24.50 -8.58
CA THR C 24 -10.41 -24.67 -8.82
C THR C 24 -10.06 -26.14 -9.13
N VAL C 25 -10.73 -27.07 -8.46
CA VAL C 25 -10.54 -28.50 -8.73
C VAL C 25 -10.97 -28.82 -10.15
N GLU C 26 -12.11 -28.25 -10.54
CA GLU C 26 -12.64 -28.42 -11.89
C GLU C 26 -11.67 -27.91 -12.95
N LEU C 27 -11.07 -26.76 -12.73
CA LEU C 27 -10.12 -26.22 -13.68
C LEU C 27 -8.85 -27.05 -13.72
N LEU C 28 -8.40 -27.49 -12.56
CA LEU C 28 -7.20 -28.31 -12.45
C LEU C 28 -7.33 -29.67 -13.15
N LEU C 29 -8.45 -30.34 -12.92
CA LEU C 29 -8.76 -31.56 -13.65
C LEU C 29 -8.81 -31.30 -15.14
N GLU C 30 -9.46 -30.22 -15.52
CA GLU C 30 -9.52 -29.78 -16.92
C GLU C 30 -8.12 -29.54 -17.52
N ALA C 31 -7.22 -28.94 -16.76
CA ALA C 31 -5.84 -28.78 -17.22
C ALA C 31 -5.09 -30.10 -17.23
N GLY C 32 -5.77 -31.17 -16.82
CA GLY C 32 -5.20 -32.51 -16.80
C GLY C 32 -4.28 -32.83 -15.63
N ALA C 33 -4.37 -32.07 -14.53
CA ALA C 33 -3.58 -32.39 -13.34
C ALA C 33 -4.18 -33.52 -12.51
N ALA C 34 -3.30 -34.27 -11.85
CA ALA C 34 -3.73 -35.10 -10.72
C ALA C 34 -4.14 -34.16 -9.60
N VAL C 35 -5.28 -34.43 -8.98
CA VAL C 35 -5.85 -33.51 -8.02
C VAL C 35 -6.29 -34.19 -6.73
N ALA C 36 -5.93 -33.58 -5.61
CA ALA C 36 -6.38 -34.05 -4.29
C ALA C 36 -7.14 -32.91 -3.64
N PHE C 37 -8.23 -33.23 -2.95
CA PHE C 37 -8.90 -32.21 -2.17
C PHE C 37 -9.50 -32.76 -0.88
N CYS C 38 -9.67 -31.88 0.10
CA CYS C 38 -10.23 -32.26 1.38
C CYS C 38 -11.37 -31.32 1.79
N ALA C 39 -11.95 -31.60 2.95
CA ALA C 39 -13.06 -30.84 3.50
C ALA C 39 -13.57 -31.65 4.68
N ARG C 40 -14.47 -31.08 5.46
CA ARG C 40 -14.94 -31.75 6.67
C ARG C 40 -16.13 -32.69 6.38
N ASP C 41 -17.13 -32.17 5.67
CA ASP C 41 -18.33 -32.93 5.38
C ASP C 41 -18.04 -34.05 4.37
N GLY C 42 -17.94 -35.28 4.87
CA GLY C 42 -17.68 -36.43 4.03
C GLY C 42 -18.73 -36.65 2.95
N GLU C 43 -19.99 -36.49 3.34
CA GLU C 43 -21.11 -36.65 2.41
C GLU C 43 -20.90 -35.77 1.19
N ARG C 44 -20.71 -34.48 1.42
CA ARG C 44 -20.49 -33.54 0.33
C ARG C 44 -19.16 -33.77 -0.38
N LEU C 45 -18.12 -34.05 0.39
CA LEU C 45 -16.82 -34.36 -0.21
C LEU C 45 -16.98 -35.46 -1.26
N ARG C 46 -17.66 -36.55 -0.87
CA ARG C 46 -17.82 -37.70 -1.75
C ARG C 46 -18.77 -37.43 -2.91
N ALA C 47 -19.80 -36.61 -2.68
CA ALA C 47 -20.73 -36.26 -3.75
C ALA C 47 -19.99 -35.46 -4.81
N ALA C 48 -19.20 -34.48 -4.35
CA ALA C 48 -18.37 -33.69 -5.26
C ALA C 48 -17.39 -34.62 -5.96
N GLU C 49 -16.71 -35.46 -5.19
CA GLU C 49 -15.77 -36.43 -5.74
C GLU C 49 -16.43 -37.25 -6.86
N SER C 50 -17.62 -37.77 -6.58
CA SER C 50 -18.35 -38.61 -7.51
C SER C 50 -18.76 -37.87 -8.77
N ALA C 51 -19.14 -36.60 -8.65
CA ALA C 51 -19.53 -35.84 -9.84
C ALA C 51 -18.34 -35.60 -10.77
N LEU C 52 -17.23 -35.16 -10.16
CA LEU C 52 -16.00 -34.89 -10.86
C LEU C 52 -15.47 -36.10 -11.63
N ARG C 53 -15.52 -37.29 -11.02
CA ARG C 53 -15.07 -38.51 -11.70
C ARG C 53 -15.88 -38.79 -12.96
N GLN C 54 -17.18 -38.47 -12.88
CA GLN C 54 -18.07 -38.59 -14.03
C GLN C 54 -17.72 -37.55 -15.10
N ARG C 55 -17.65 -36.29 -14.68
CA ARG C 55 -17.34 -35.19 -15.60
C ARG C 55 -15.95 -35.31 -16.23
N PHE C 56 -15.02 -35.90 -15.50
CA PHE C 56 -13.64 -36.05 -15.97
C PHE C 56 -13.18 -37.50 -15.92
N PRO C 57 -13.62 -38.30 -16.90
CA PRO C 57 -13.33 -39.74 -16.94
C PRO C 57 -11.82 -40.00 -16.96
N GLY C 58 -11.37 -40.99 -16.19
CA GLY C 58 -9.96 -41.30 -16.12
C GLY C 58 -9.13 -40.30 -15.31
N ALA C 59 -9.80 -39.37 -14.63
CA ALA C 59 -9.13 -38.36 -13.82
C ALA C 59 -8.35 -38.98 -12.65
N ARG C 60 -7.13 -38.52 -12.43
CA ARG C 60 -6.42 -38.89 -11.23
C ARG C 60 -6.90 -37.98 -10.11
N LEU C 61 -7.75 -38.54 -9.26
CA LEU C 61 -8.47 -37.77 -8.26
C LEU C 61 -8.45 -38.47 -6.93
N PHE C 62 -8.05 -37.74 -5.89
CA PHE C 62 -8.07 -38.23 -4.53
C PHE C 62 -8.85 -37.26 -3.66
N ALA C 63 -9.82 -37.77 -2.91
CA ALA C 63 -10.64 -36.94 -2.05
C ALA C 63 -10.73 -37.55 -0.65
N SER C 64 -10.62 -36.71 0.37
CA SER C 64 -10.57 -37.22 1.72
C SER C 64 -11.04 -36.18 2.72
N VAL C 65 -11.75 -36.67 3.72
CA VAL C 65 -12.19 -35.83 4.83
C VAL C 65 -11.00 -35.37 5.65
N CYS C 66 -10.88 -34.06 5.85
CA CYS C 66 -9.81 -33.52 6.69
C CYS C 66 -10.18 -32.15 7.24
N ASP C 67 -10.10 -31.99 8.56
CA ASP C 67 -10.20 -30.64 9.14
C ASP C 67 -8.82 -30.00 9.17
N VAL C 68 -8.69 -28.89 8.46
CA VAL C 68 -7.41 -28.22 8.35
C VAL C 68 -7.00 -27.57 9.67
N LEU C 69 -7.92 -27.51 10.62
CA LEU C 69 -7.60 -26.97 11.94
C LEU C 69 -6.92 -28.03 12.82
N ASP C 70 -6.93 -29.27 12.34
CA ASP C 70 -6.30 -30.36 13.07
C ASP C 70 -5.00 -30.80 12.40
N ALA C 71 -3.89 -30.44 13.04
CA ALA C 71 -2.55 -30.73 12.51
C ALA C 71 -2.37 -32.19 12.12
N LEU C 72 -2.71 -33.12 13.01
CA LEU C 72 -2.46 -34.53 12.74
C LEU C 72 -3.30 -35.05 11.56
N GLN C 73 -4.52 -34.54 11.39
CA GLN C 73 -5.35 -34.93 10.26
C GLN C 73 -4.70 -34.43 8.96
N VAL C 74 -4.38 -33.15 8.91
CA VAL C 74 -3.69 -32.56 7.76
C VAL C 74 -2.43 -33.34 7.42
N ARG C 75 -1.71 -33.78 8.45
CA ARG C 75 -0.52 -34.61 8.29
C ARG C 75 -0.89 -35.94 7.64
N ALA C 76 -1.95 -36.60 8.13
CA ALA C 76 -2.41 -37.84 7.52
C ALA C 76 -2.89 -37.63 6.09
N PHE C 77 -3.52 -36.48 5.85
CA PHE C 77 -4.02 -36.18 4.52
C PHE C 77 -2.86 -36.00 3.52
N ALA C 78 -1.77 -35.36 3.98
CA ALA C 78 -0.59 -35.14 3.16
C ALA C 78 0.12 -36.44 2.80
N GLU C 79 0.24 -37.33 3.78
CA GLU C 79 0.86 -38.63 3.55
C GLU C 79 0.03 -39.47 2.59
N ALA C 80 -1.29 -39.33 2.66
CA ALA C 80 -2.19 -40.10 1.79
C ALA C 80 -2.13 -39.59 0.35
N CYS C 81 -2.00 -38.27 0.19
CA CYS C 81 -1.91 -37.67 -1.12
C CYS C 81 -0.67 -38.18 -1.85
N GLU C 82 0.46 -38.17 -1.14
CA GLU C 82 1.71 -38.67 -1.70
C GLU C 82 1.63 -40.16 -2.12
N ARG C 83 1.01 -41.00 -1.29
CA ARG C 83 0.86 -42.42 -1.64
C ARG C 83 -0.02 -42.58 -2.86
N THR C 84 -1.13 -41.86 -2.88
CA THR C 84 -2.09 -41.97 -3.96
C THR C 84 -1.64 -41.28 -5.26
N LEU C 85 -1.38 -39.98 -5.20
CA LEU C 85 -1.11 -39.24 -6.44
C LEU C 85 0.38 -38.93 -6.70
N GLY C 86 1.23 -39.18 -5.73
CA GLY C 86 2.60 -38.72 -5.83
C GLY C 86 2.82 -37.34 -5.24
N CYS C 87 4.09 -36.97 -5.11
CA CYS C 87 4.48 -35.74 -4.43
CA CYS C 87 4.52 -35.74 -4.48
C CYS C 87 3.78 -34.51 -5.01
N ALA C 88 3.28 -33.66 -4.12
CA ALA C 88 2.56 -32.44 -4.48
C ALA C 88 3.45 -31.34 -5.07
N SER C 89 2.98 -30.68 -6.13
CA SER C 89 3.69 -29.57 -6.78
C SER C 89 2.91 -28.26 -6.67
N ILE C 90 1.62 -28.39 -6.38
CA ILE C 90 0.72 -27.26 -6.24
C ILE C 90 -0.18 -27.40 -5.00
N LEU C 91 -0.26 -26.32 -4.22
CA LEU C 91 -1.12 -26.28 -3.05
C LEU C 91 -1.99 -25.04 -3.05
N VAL C 92 -3.30 -25.25 -2.98
CA VAL C 92 -4.23 -24.13 -2.90
C VAL C 92 -5.00 -24.22 -1.57
N ASN C 93 -4.89 -23.17 -0.76
CA ASN C 93 -5.57 -23.13 0.53
C ASN C 93 -6.84 -22.27 0.46
N ASN C 94 -7.99 -22.90 0.63
CA ASN C 94 -9.24 -22.22 0.42
C ASN C 94 -10.16 -22.25 1.66
N ALA C 95 -10.04 -23.31 2.46
CA ALA C 95 -10.87 -23.52 3.65
C ALA C 95 -11.08 -22.27 4.51
N GLY C 96 -12.28 -22.14 5.08
CA GLY C 96 -12.64 -21.00 5.90
C GLY C 96 -13.78 -20.19 5.33
N GLN C 97 -14.57 -19.59 6.21
CA GLN C 97 -15.71 -18.77 5.82
C GLN C 97 -15.54 -17.32 6.25
N GLY C 98 -16.59 -16.52 6.06
CA GLY C 98 -16.58 -15.15 6.53
C GLY C 98 -17.45 -15.00 7.76
N ARG C 99 -17.10 -14.06 8.64
CA ARG C 99 -17.90 -13.77 9.82
C ARG C 99 -18.44 -12.34 9.79
N VAL C 100 -19.74 -12.18 10.06
CA VAL C 100 -20.38 -10.88 10.04
C VAL C 100 -20.55 -10.30 11.45
N SER C 101 -19.82 -9.22 11.73
CA SER C 101 -19.86 -8.60 13.05
C SER C 101 -19.09 -7.29 13.08
N THR C 102 -19.63 -6.30 13.77
CA THR C 102 -18.88 -5.10 14.08
C THR C 102 -17.89 -5.43 15.20
N PHE C 103 -17.00 -4.48 15.53
CA PHE C 103 -16.08 -4.69 16.65
C PHE C 103 -16.89 -4.92 17.93
N ALA C 104 -17.96 -4.14 18.10
CA ALA C 104 -18.81 -4.26 19.28
C ALA C 104 -19.44 -5.65 19.36
N GLU C 105 -19.86 -6.17 18.20
CA GLU C 105 -20.56 -7.45 18.16
C GLU C 105 -19.64 -8.66 18.30
N THR C 106 -18.34 -8.43 18.34
CA THR C 106 -17.37 -9.52 18.30
C THR C 106 -16.80 -9.86 19.67
N THR C 107 -17.11 -11.07 20.14
CA THR C 107 -16.63 -11.55 21.43
C THR C 107 -15.19 -12.05 21.34
N ASP C 108 -14.55 -12.27 22.50
CA ASP C 108 -13.22 -12.87 22.52
C ASP C 108 -13.23 -14.21 21.80
N GLU C 109 -14.20 -15.06 22.18
CA GLU C 109 -14.35 -16.37 21.54
C GLU C 109 -14.42 -16.28 20.02
N ALA C 110 -15.20 -15.32 19.52
CA ALA C 110 -15.36 -15.20 18.08
C ALA C 110 -14.04 -14.76 17.45
N TRP C 111 -13.37 -13.82 18.08
CA TRP C 111 -12.07 -13.37 17.60
C TRP C 111 -11.09 -14.51 17.48
N SER C 112 -10.96 -15.26 18.58
CA SER C 112 -10.08 -16.41 18.63
C SER C 112 -10.43 -17.41 17.55
N GLU C 113 -11.73 -17.61 17.38
CA GLU C 113 -12.24 -18.55 16.40
C GLU C 113 -11.82 -18.14 14.99
N GLU C 114 -11.95 -16.85 14.69
CA GLU C 114 -11.63 -16.32 13.36
C GLU C 114 -10.14 -16.36 13.07
N LEU C 115 -9.35 -15.88 14.03
CA LEU C 115 -7.89 -15.92 13.92
C LEU C 115 -7.38 -17.35 13.73
N GLN C 116 -7.99 -18.30 14.42
CA GLN C 116 -7.59 -19.70 14.34
C GLN C 116 -7.90 -20.26 12.97
N LEU C 117 -9.10 -19.98 12.49
CA LEU C 117 -9.56 -20.53 11.22
C LEU C 117 -8.76 -19.97 10.03
N LYS C 118 -8.57 -18.65 10.00
CA LYS C 118 -7.83 -17.99 8.93
C LYS C 118 -6.36 -18.40 8.91
N PHE C 119 -5.72 -18.37 10.07
CA PHE C 119 -4.29 -18.67 10.10
C PHE C 119 -3.94 -20.14 9.91
N PHE C 120 -4.55 -21.03 10.68
CA PHE C 120 -4.18 -22.45 10.67
C PHE C 120 -4.65 -23.20 9.43
N SER C 121 -5.72 -22.72 8.80
CA SER C 121 -6.11 -23.27 7.50
C SER C 121 -4.99 -23.02 6.45
N VAL C 122 -4.13 -22.02 6.66
CA VAL C 122 -2.93 -21.83 5.84
C VAL C 122 -1.69 -22.52 6.43
N ILE C 123 -1.36 -22.23 7.69
CA ILE C 123 -0.17 -22.76 8.35
C ILE C 123 -0.06 -24.29 8.27
N HIS C 124 -1.15 -24.98 8.64
CA HIS C 124 -1.16 -26.44 8.64
C HIS C 124 -0.88 -27.12 7.28
N PRO C 125 -1.69 -26.81 6.24
CA PRO C 125 -1.43 -27.48 4.97
C PRO C 125 -0.07 -27.09 4.38
N VAL C 126 0.34 -25.84 4.57
CA VAL C 126 1.63 -25.40 4.06
C VAL C 126 2.76 -26.18 4.72
N ARG C 127 2.69 -26.30 6.04
CA ARG C 127 3.71 -27.00 6.81
C ARG C 127 3.73 -28.49 6.42
N ALA C 128 2.55 -29.10 6.36
CA ALA C 128 2.44 -30.53 6.05
C ALA C 128 2.90 -30.85 4.64
N PHE C 129 2.63 -29.94 3.70
CA PHE C 129 2.94 -30.18 2.27
C PHE C 129 4.25 -29.59 1.75
N LEU C 130 4.91 -28.76 2.55
CA LEU C 130 6.13 -28.09 2.12
C LEU C 130 7.22 -29.05 1.59
N PRO C 131 7.55 -30.11 2.36
CA PRO C 131 8.56 -31.09 1.94
C PRO C 131 8.30 -31.69 0.55
N GLN C 132 7.04 -32.00 0.24
CA GLN C 132 6.67 -32.45 -1.11
C GLN C 132 6.92 -31.36 -2.12
N LEU C 133 6.43 -30.16 -1.82
CA LEU C 133 6.51 -29.02 -2.73
C LEU C 133 7.95 -28.69 -3.04
N GLU C 134 8.80 -28.83 -2.05
CA GLU C 134 10.17 -28.37 -2.18
C GLU C 134 11.07 -29.41 -2.83
N SER C 135 10.51 -30.57 -3.15
CA SER C 135 11.23 -31.55 -3.98
C SER C 135 10.75 -31.55 -5.43
N ARG C 136 9.74 -30.73 -5.73
CA ARG C 136 9.12 -30.69 -7.06
C ARG C 136 9.58 -29.49 -7.88
N ALA C 137 9.42 -29.62 -9.20
CA ALA C 137 9.68 -28.52 -10.11
C ALA C 137 8.39 -27.71 -10.26
N ASP C 138 8.52 -26.41 -10.51
CA ASP C 138 7.35 -25.56 -10.76
C ASP C 138 6.39 -25.55 -9.59
N ALA C 139 6.92 -25.64 -8.36
CA ALA C 139 6.06 -25.70 -7.19
C ALA C 139 5.49 -24.31 -6.86
N ALA C 140 4.21 -24.27 -6.54
CA ALA C 140 3.52 -23.03 -6.24
C ALA C 140 2.44 -23.22 -5.16
N ILE C 141 2.32 -22.22 -4.30
CA ILE C 141 1.22 -22.17 -3.32
C ILE C 141 0.35 -20.97 -3.66
N VAL C 142 -0.96 -21.14 -3.56
CA VAL C 142 -1.89 -20.02 -3.71
C VAL C 142 -2.81 -19.99 -2.48
N CYS C 143 -2.85 -18.87 -1.78
CA CYS C 143 -3.75 -18.73 -0.65
C CYS C 143 -4.93 -17.85 -1.05
N VAL C 144 -6.13 -18.42 -1.07
CA VAL C 144 -7.35 -17.63 -1.34
C VAL C 144 -7.54 -16.58 -0.24
N ASN C 145 -7.94 -15.36 -0.62
CA ASN C 145 -8.11 -14.26 0.33
C ASN C 145 -9.18 -13.28 -0.13
N SER C 146 -9.33 -12.17 0.59
CA SER C 146 -10.35 -11.19 0.24
C SER C 146 -9.79 -9.77 0.22
N LEU C 147 -10.42 -8.89 -0.55
CA LEU C 147 -10.03 -7.48 -0.61
C LEU C 147 -10.07 -6.89 0.82
N LEU C 148 -10.87 -7.50 1.68
CA LEU C 148 -10.96 -7.10 3.09
C LEU C 148 -9.58 -6.98 3.77
N ALA C 149 -8.64 -7.79 3.31
CA ALA C 149 -7.28 -7.82 3.84
C ALA C 149 -6.60 -6.46 3.73
N SER C 150 -6.92 -5.70 2.69
CA SER C 150 -6.30 -4.38 2.52
C SER C 150 -7.33 -3.27 2.65
N GLN C 151 -8.60 -3.62 2.53
CA GLN C 151 -9.64 -2.62 2.56
C GLN C 151 -10.80 -3.16 3.36
N PRO C 152 -10.73 -2.96 4.69
CA PRO C 152 -11.72 -3.53 5.60
C PRO C 152 -13.10 -2.90 5.38
N GLU C 153 -14.13 -3.69 5.68
CA GLU C 153 -15.52 -3.24 5.67
C GLU C 153 -16.12 -3.33 7.07
N PRO C 154 -17.05 -2.42 7.37
CA PRO C 154 -17.67 -2.21 8.69
C PRO C 154 -18.23 -3.46 9.37
N HIS C 155 -18.97 -4.27 8.66
CA HIS C 155 -19.60 -5.45 9.27
C HIS C 155 -18.76 -6.70 9.10
N MET C 156 -17.45 -6.51 8.91
CA MET C 156 -16.55 -7.62 8.69
C MET C 156 -15.23 -7.36 9.40
N VAL C 157 -15.31 -6.69 10.54
CA VAL C 157 -14.13 -6.28 11.30
C VAL C 157 -13.17 -7.43 11.62
N ALA C 158 -13.69 -8.49 12.21
CA ALA C 158 -12.84 -9.57 12.66
C ALA C 158 -12.21 -10.30 11.47
N THR C 159 -13.03 -10.57 10.46
CA THR C 159 -12.55 -11.24 9.26
CA THR C 159 -12.53 -11.26 9.28
C THR C 159 -11.55 -10.40 8.50
N SER C 160 -11.84 -9.10 8.34
CA SER C 160 -10.90 -8.19 7.67
C SER C 160 -9.51 -8.25 8.31
N ALA C 161 -9.48 -8.31 9.64
CA ALA C 161 -8.22 -8.32 10.36
C ALA C 161 -7.42 -9.60 10.16
N ALA C 162 -8.10 -10.73 10.33
CA ALA C 162 -7.43 -12.01 10.19
C ALA C 162 -6.93 -12.17 8.76
N ARG C 163 -7.73 -11.71 7.79
CA ARG C 163 -7.33 -11.77 6.39
C ARG C 163 -6.07 -10.96 6.10
N ALA C 164 -5.95 -9.78 6.72
CA ALA C 164 -4.76 -8.95 6.58
C ALA C 164 -3.51 -9.67 7.11
N GLY C 165 -3.63 -10.32 8.26
CA GLY C 165 -2.56 -11.14 8.80
C GLY C 165 -2.12 -12.22 7.81
N VAL C 166 -3.09 -12.89 7.19
CA VAL C 166 -2.78 -13.94 6.23
C VAL C 166 -2.11 -13.37 4.99
N LYS C 167 -2.61 -12.21 4.54
CA LYS C 167 -1.98 -11.53 3.42
C LYS C 167 -0.50 -11.27 3.70
N ASN C 168 -0.21 -10.71 4.87
CA ASN C 168 1.16 -10.43 5.28
C ASN C 168 1.98 -11.73 5.37
N LEU C 169 1.35 -12.80 5.85
CA LEU C 169 1.99 -14.10 5.90
C LEU C 169 2.36 -14.63 4.51
N VAL C 170 1.50 -14.42 3.52
CA VAL C 170 1.83 -14.82 2.15
C VAL C 170 3.16 -14.20 1.65
N ARG C 171 3.39 -12.93 1.96
CA ARG C 171 4.67 -12.27 1.64
C ARG C 171 5.86 -12.96 2.31
N SER C 172 5.76 -13.26 3.60
CA SER C 172 6.81 -13.97 4.33
C SER C 172 7.09 -15.37 3.77
N MET C 173 6.05 -16.14 3.50
CA MET C 173 6.24 -17.48 2.94
C MET C 173 6.92 -17.44 1.56
N ALA C 174 6.51 -16.49 0.73
CA ALA C 174 7.13 -16.31 -0.57
C ALA C 174 8.62 -16.09 -0.43
N PHE C 175 8.98 -15.22 0.51
CA PHE C 175 10.37 -14.87 0.67
C PHE C 175 11.13 -16.04 1.30
N GLU C 176 10.49 -16.73 2.22
CA GLU C 176 11.13 -17.84 2.92
C GLU C 176 11.32 -19.06 2.00
N PHE C 177 10.29 -19.39 1.22
CA PHE C 177 10.31 -20.61 0.42
C PHE C 177 11.03 -20.48 -0.92
N ALA C 178 11.31 -19.24 -1.34
CA ALA C 178 11.90 -19.00 -2.67
C ALA C 178 13.26 -19.63 -2.92
N PRO C 179 14.08 -19.81 -1.88
CA PRO C 179 15.37 -20.50 -2.09
C PRO C 179 15.18 -21.97 -2.49
N LYS C 180 14.03 -22.54 -2.13
CA LYS C 180 13.71 -23.93 -2.44
C LYS C 180 12.73 -24.04 -3.58
N GLY C 181 12.56 -22.94 -4.32
CA GLY C 181 11.80 -22.95 -5.56
C GLY C 181 10.28 -22.93 -5.46
N VAL C 182 9.74 -22.68 -4.28
CA VAL C 182 8.27 -22.63 -4.12
C VAL C 182 7.75 -21.19 -4.18
N ARG C 183 6.97 -20.86 -5.21
CA ARG C 183 6.34 -19.52 -5.27
C ARG C 183 5.11 -19.49 -4.36
N VAL C 184 4.82 -18.34 -3.78
CA VAL C 184 3.63 -18.16 -2.94
C VAL C 184 2.89 -16.86 -3.28
N ASN C 185 1.60 -16.97 -3.61
CA ASN C 185 0.82 -15.79 -3.94
C ASN C 185 -0.62 -16.00 -3.46
N GLY C 186 -1.45 -14.97 -3.56
CA GLY C 186 -2.85 -15.11 -3.20
C GLY C 186 -3.75 -14.35 -4.15
N ILE C 187 -5.06 -14.44 -3.96
CA ILE C 187 -6.00 -13.60 -4.64
C ILE C 187 -6.82 -12.84 -3.59
N LEU C 188 -7.47 -11.76 -4.03
CA LEU C 188 -8.31 -10.96 -3.16
C LEU C 188 -9.69 -10.91 -3.80
N ILE C 189 -10.61 -11.76 -3.35
CA ILE C 189 -11.94 -11.76 -3.92
C ILE C 189 -12.76 -10.57 -3.46
N GLY C 190 -13.69 -10.13 -4.30
CA GLY C 190 -14.69 -9.14 -3.92
C GLY C 190 -15.97 -9.82 -3.47
N LEU C 191 -17.11 -9.31 -3.92
CA LEU C 191 -18.39 -9.99 -3.68
C LEU C 191 -18.61 -11.12 -4.70
N VAL C 192 -18.65 -12.35 -4.18
CA VAL C 192 -18.73 -13.52 -5.06
C VAL C 192 -20.06 -14.28 -4.91
N GLU C 193 -20.62 -14.74 -6.03
CA GLU C 193 -21.85 -15.52 -6.02
C GLU C 193 -21.72 -16.73 -5.12
N SER C 194 -22.59 -16.78 -4.11
CA SER C 194 -22.62 -17.87 -3.17
C SER C 194 -24.06 -18.30 -2.98
N GLY C 195 -24.26 -19.49 -2.41
CA GLY C 195 -25.58 -19.96 -2.09
C GLY C 195 -26.32 -18.99 -1.19
N GLN C 196 -25.57 -18.17 -0.47
CA GLN C 196 -26.14 -17.19 0.44
C GLN C 196 -26.79 -16.03 -0.31
N TRP C 197 -26.22 -15.71 -1.48
CA TRP C 197 -26.78 -14.70 -2.36
C TRP C 197 -27.99 -15.26 -3.12
N ARG C 198 -27.88 -16.51 -3.55
CA ARG C 198 -29.02 -17.21 -4.13
C ARG C 198 -30.20 -17.15 -3.17
N ARG C 199 -29.90 -17.34 -1.90
CA ARG C 199 -30.90 -17.27 -0.84
C ARG C 199 -31.68 -15.97 -0.91
N ARG C 200 -30.97 -14.84 -0.99
CA ARG C 200 -31.60 -13.53 -0.98
C ARG C 200 -32.38 -13.25 -2.26
N PHE C 201 -31.84 -13.69 -3.39
CA PHE C 201 -32.50 -13.50 -4.68
C PHE C 201 -33.84 -14.22 -4.70
N GLU C 202 -33.83 -15.47 -4.26
CA GLU C 202 -35.02 -16.30 -4.19
C GLU C 202 -36.17 -15.58 -3.48
N ALA C 203 -35.81 -14.73 -2.52
CA ALA C 203 -36.80 -14.04 -1.70
C ALA C 203 -36.80 -12.53 -1.92
N ARG C 204 -36.56 -12.09 -3.15
CA ARG C 204 -36.58 -10.67 -3.49
C ARG C 204 -38.01 -10.12 -3.41
N GLU C 205 -38.13 -8.88 -2.97
CA GLU C 205 -39.43 -8.29 -2.67
C GLU C 205 -39.77 -7.09 -3.57
N GLU C 206 -40.59 -7.34 -4.59
CA GLU C 206 -40.99 -8.68 -4.97
C GLU C 206 -40.71 -8.76 -6.46
N ARG C 207 -39.47 -8.41 -6.80
CA ARG C 207 -39.10 -8.04 -8.16
C ARG C 207 -39.28 -9.12 -9.24
N GLU C 208 -39.13 -8.66 -10.48
CA GLU C 208 -39.36 -9.43 -11.68
C GLU C 208 -38.03 -9.59 -12.41
N LEU C 209 -36.96 -9.14 -11.76
CA LEU C 209 -35.62 -9.33 -12.30
C LEU C 209 -35.21 -10.77 -12.08
N ASP C 210 -34.55 -11.36 -13.07
CA ASP C 210 -33.98 -12.69 -12.91
C ASP C 210 -32.69 -12.61 -12.09
N TRP C 211 -32.00 -13.73 -11.96
CA TRP C 211 -30.76 -13.76 -11.20
C TRP C 211 -29.77 -12.73 -11.70
N ALA C 212 -29.53 -12.70 -13.01
CA ALA C 212 -28.51 -11.83 -13.58
C ALA C 212 -28.88 -10.34 -13.48
N GLN C 213 -30.18 -10.06 -13.47
CA GLN C 213 -30.65 -8.69 -13.42
C GLN C 213 -30.60 -8.17 -11.98
N TRP C 214 -31.04 -9.03 -11.06
CA TRP C 214 -31.08 -8.67 -9.64
C TRP C 214 -29.68 -8.54 -9.06
N THR C 215 -28.82 -9.47 -9.46
CA THR C 215 -27.43 -9.48 -9.07
C THR C 215 -26.71 -8.24 -9.62
N ALA C 216 -27.18 -7.76 -10.77
CA ALA C 216 -26.60 -6.60 -11.42
C ALA C 216 -26.91 -5.32 -10.66
N GLN C 217 -28.13 -5.20 -10.17
CA GLN C 217 -28.54 -4.01 -9.42
C GLN C 217 -27.92 -4.01 -8.03
N LEU C 218 -27.82 -5.20 -7.44
CA LEU C 218 -27.10 -5.39 -6.19
C LEU C 218 -25.67 -4.87 -6.31
N ALA C 219 -25.02 -5.18 -7.43
CA ALA C 219 -23.63 -4.78 -7.62
C ALA C 219 -23.49 -3.27 -7.75
N ARG C 220 -24.46 -2.64 -8.40
CA ARG C 220 -24.44 -1.20 -8.58
C ARG C 220 -24.58 -0.59 -7.21
N ASN C 221 -25.53 -1.12 -6.44
CA ASN C 221 -25.79 -0.66 -5.09
C ASN C 221 -24.58 -0.83 -4.15
N LYS C 222 -23.74 -1.83 -4.41
CA LYS C 222 -22.50 -2.01 -3.65
C LYS C 222 -21.34 -1.31 -4.36
N GLN C 223 -21.66 -0.61 -5.43
CA GLN C 223 -20.67 0.17 -6.17
C GLN C 223 -19.48 -0.65 -6.66
N ILE C 224 -19.74 -1.85 -7.18
CA ILE C 224 -18.75 -2.65 -7.89
C ILE C 224 -18.72 -2.13 -9.33
N PRO C 225 -17.60 -1.52 -9.75
CA PRO C 225 -17.58 -0.94 -11.11
C PRO C 225 -18.03 -1.92 -12.21
N LEU C 226 -17.52 -3.16 -12.17
CA LEU C 226 -17.85 -4.15 -13.19
C LEU C 226 -19.33 -4.55 -13.19
N GLY C 227 -20.09 -4.10 -12.19
CA GLY C 227 -21.54 -4.21 -12.20
C GLY C 227 -22.18 -5.58 -12.06
N ARG C 228 -21.50 -6.49 -11.39
CA ARG C 228 -22.09 -7.78 -11.10
C ARG C 228 -21.29 -8.44 -10.00
N LEU C 229 -21.79 -9.58 -9.54
CA LEU C 229 -21.09 -10.39 -8.56
C LEU C 229 -19.97 -11.16 -9.22
N GLY C 230 -18.97 -11.55 -8.46
CA GLY C 230 -17.92 -12.41 -8.97
C GLY C 230 -18.38 -13.87 -8.97
N LYS C 231 -17.98 -14.63 -9.97
CA LYS C 231 -18.31 -16.05 -10.04
C LYS C 231 -17.16 -16.90 -9.52
N PRO C 232 -17.48 -18.01 -8.85
CA PRO C 232 -16.41 -18.89 -8.36
C PRO C 232 -15.37 -19.20 -9.44
N ILE C 233 -15.79 -19.38 -10.68
CA ILE C 233 -14.86 -19.74 -11.75
C ILE C 233 -13.82 -18.64 -12.03
N GLU C 234 -14.21 -17.38 -11.84
CA GLU C 234 -13.28 -16.27 -12.09
C GLU C 234 -12.17 -16.22 -11.06
N ALA C 235 -12.52 -16.43 -9.78
CA ALA C 235 -11.52 -16.60 -8.75
C ALA C 235 -10.59 -17.76 -9.13
N ALA C 236 -11.19 -18.87 -9.57
CA ALA C 236 -10.42 -20.05 -9.87
C ALA C 236 -9.45 -19.83 -11.03
N ARG C 237 -9.86 -19.06 -12.03
CA ARG C 237 -8.96 -18.76 -13.15
C ARG C 237 -7.71 -17.99 -12.71
N ALA C 238 -7.85 -17.07 -11.75
CA ALA C 238 -6.71 -16.33 -11.21
C ALA C 238 -5.82 -17.27 -10.42
N ILE C 239 -6.44 -18.12 -9.62
CA ILE C 239 -5.72 -19.14 -8.87
C ILE C 239 -4.93 -20.01 -9.83
N LEU C 240 -5.58 -20.39 -10.93
CA LEU C 240 -4.97 -21.24 -11.93
C LEU C 240 -3.75 -20.57 -12.54
N PHE C 241 -3.89 -19.29 -12.88
CA PHE C 241 -2.77 -18.52 -13.40
C PHE C 241 -1.60 -18.55 -12.43
N LEU C 242 -1.90 -18.29 -11.15
CA LEU C 242 -0.89 -18.17 -10.10
C LEU C 242 -0.29 -19.53 -9.71
N ALA C 243 -1.09 -20.58 -9.81
CA ALA C 243 -0.60 -21.93 -9.55
C ALA C 243 0.29 -22.45 -10.68
N SER C 244 0.10 -21.94 -11.89
CA SER C 244 0.74 -22.52 -13.08
C SER C 244 2.05 -21.83 -13.42
N PRO C 245 2.85 -22.46 -14.28
CA PRO C 245 4.12 -21.88 -14.77
C PRO C 245 3.91 -20.59 -15.57
N LEU C 246 2.67 -20.28 -15.94
CA LEU C 246 2.38 -19.05 -16.68
C LEU C 246 2.77 -17.83 -15.84
N SER C 247 2.84 -18.02 -14.52
CA SER C 247 3.19 -16.92 -13.59
C SER C 247 4.52 -17.14 -12.86
N ALA C 248 5.49 -17.70 -13.56
CA ALA C 248 6.74 -18.17 -12.95
C ALA C 248 7.65 -17.08 -12.40
N TYR C 249 7.37 -15.81 -12.70
CA TYR C 249 8.16 -14.73 -12.12
C TYR C 249 7.33 -13.94 -11.14
N THR C 250 6.22 -14.54 -10.72
CA THR C 250 5.34 -13.91 -9.77
C THR C 250 5.34 -14.62 -8.42
N THR C 251 5.91 -13.99 -7.41
CA THR C 251 5.85 -14.55 -6.06
C THR C 251 5.65 -13.44 -5.03
N GLY C 252 5.07 -13.80 -3.88
CA GLY C 252 4.80 -12.87 -2.80
C GLY C 252 3.83 -11.76 -3.15
N SER C 253 2.81 -12.09 -3.93
CA SER C 253 1.91 -11.07 -4.45
C SER C 253 0.46 -11.54 -4.45
N HIS C 254 -0.43 -10.65 -4.87
CA HIS C 254 -1.85 -10.97 -4.94
C HIS C 254 -2.45 -10.47 -6.24
N ILE C 255 -3.42 -11.22 -6.76
CA ILE C 255 -4.18 -10.74 -7.90
C ILE C 255 -5.56 -10.33 -7.40
N ASP C 256 -6.00 -9.15 -7.83
CA ASP C 256 -7.26 -8.55 -7.40
C ASP C 256 -8.41 -9.15 -8.20
N VAL C 257 -9.34 -9.79 -7.51
CA VAL C 257 -10.51 -10.37 -8.18
C VAL C 257 -11.79 -9.80 -7.56
N SER C 258 -11.83 -8.48 -7.47
CA SER C 258 -12.91 -7.79 -6.74
C SER C 258 -13.86 -7.00 -7.64
N GLY C 259 -13.61 -7.04 -8.94
CA GLY C 259 -14.45 -6.33 -9.89
C GLY C 259 -14.27 -4.83 -9.84
N GLY C 260 -13.13 -4.38 -9.35
CA GLY C 260 -12.83 -2.97 -9.26
C GLY C 260 -13.17 -2.30 -7.93
N LEU C 261 -13.38 -3.08 -6.87
CA LEU C 261 -13.70 -2.53 -5.55
C LEU C 261 -12.55 -1.81 -4.83
N SER C 262 -11.31 -2.12 -5.19
CA SER C 262 -10.16 -1.57 -4.50
C SER C 262 -9.96 -0.09 -4.84
N ARG C 263 -10.08 0.78 -3.84
CA ARG C 263 -9.98 2.23 -4.05
C ARG C 263 -8.54 2.71 -4.13
N HIS C 264 -7.62 1.87 -3.63
CA HIS C 264 -6.22 2.22 -3.57
C HIS C 264 -5.57 2.17 -4.97
N ALA C 265 -4.73 3.14 -5.28
CA ALA C 265 -3.98 3.08 -6.53
C ALA C 265 -2.68 2.33 -6.29
N TYR D 4 -6.25 -19.85 -23.94
CA TYR D 4 -6.31 -18.52 -24.55
C TYR D 4 -6.67 -18.61 -26.04
N ASP D 5 -7.97 -18.60 -26.33
CA ASP D 5 -8.45 -18.50 -27.71
C ASP D 5 -8.92 -17.07 -27.96
N LEU D 6 -8.06 -16.26 -28.57
CA LEU D 6 -8.37 -14.86 -28.81
C LEU D 6 -8.59 -14.60 -30.30
N SER D 7 -9.02 -15.63 -31.02
CA SER D 7 -9.24 -15.51 -32.46
C SER D 7 -10.29 -14.44 -32.78
N GLU D 8 -11.20 -14.21 -31.84
CA GLU D 8 -12.21 -13.18 -32.01
C GLU D 8 -11.66 -11.80 -31.61
N ALA D 9 -10.41 -11.75 -31.19
CA ALA D 9 -9.87 -10.49 -30.66
C ALA D 9 -9.13 -9.65 -31.70
N VAL D 10 -9.17 -8.33 -31.52
CA VAL D 10 -8.31 -7.42 -32.26
C VAL D 10 -7.45 -6.64 -31.26
N ALA D 11 -6.16 -6.97 -31.18
CA ALA D 11 -5.30 -6.44 -30.13
C ALA D 11 -4.20 -5.51 -30.63
N VAL D 12 -4.13 -4.33 -30.02
CA VAL D 12 -3.14 -3.32 -30.37
C VAL D 12 -2.05 -3.21 -29.30
N VAL D 13 -0.79 -3.32 -29.72
CA VAL D 13 0.34 -3.24 -28.80
C VAL D 13 1.25 -2.08 -29.16
N THR D 14 1.22 -0.98 -28.40
CA THR D 14 2.17 0.09 -28.67
C THR D 14 3.53 -0.26 -28.06
N GLY D 15 4.60 -0.05 -28.80
CA GLY D 15 5.92 -0.46 -28.35
C GLY D 15 6.12 -1.94 -28.61
N GLY D 16 5.72 -2.40 -29.78
CA GLY D 16 5.69 -3.82 -30.07
C GLY D 16 6.83 -4.39 -30.89
N SER D 17 7.86 -3.58 -31.17
CA SER D 17 8.95 -4.03 -32.03
C SER D 17 10.04 -4.86 -31.33
N SER D 18 10.15 -4.74 -30.02
CA SER D 18 11.05 -5.63 -29.29
C SER D 18 10.63 -5.80 -27.82
N GLY D 19 11.46 -6.54 -27.08
CA GLY D 19 11.26 -6.73 -25.64
C GLY D 19 9.93 -7.34 -25.25
N ILE D 20 9.38 -6.83 -24.16
CA ILE D 20 8.06 -7.23 -23.69
C ILE D 20 6.97 -7.01 -24.74
N GLY D 21 7.04 -5.89 -25.47
CA GLY D 21 6.08 -5.61 -26.52
C GLY D 21 6.03 -6.72 -27.57
N LEU D 22 7.19 -7.14 -28.04
CA LEU D 22 7.27 -8.18 -29.09
C LEU D 22 6.85 -9.55 -28.55
N ALA D 23 7.16 -9.82 -27.28
CA ALA D 23 6.78 -11.08 -26.68
C ALA D 23 5.26 -11.10 -26.56
N THR D 24 4.70 -9.93 -26.28
CA THR D 24 3.26 -9.80 -26.18
C THR D 24 2.61 -10.03 -27.55
N VAL D 25 3.18 -9.39 -28.57
CA VAL D 25 2.69 -9.55 -29.94
C VAL D 25 2.70 -11.03 -30.32
N GLU D 26 3.82 -11.71 -30.07
CA GLU D 26 3.90 -13.15 -30.35
C GLU D 26 2.83 -13.99 -29.65
N LEU D 27 2.60 -13.72 -28.36
CA LEU D 27 1.61 -14.48 -27.61
C LEU D 27 0.18 -14.25 -28.12
N LEU D 28 -0.13 -12.99 -28.43
CA LEU D 28 -1.43 -12.69 -29.04
C LEU D 28 -1.62 -13.46 -30.34
N LEU D 29 -0.59 -13.50 -31.17
CA LEU D 29 -0.67 -14.18 -32.45
C LEU D 29 -0.82 -15.70 -32.26
N GLU D 30 -0.10 -16.28 -31.30
CA GLU D 30 -0.28 -17.70 -31.00
C GLU D 30 -1.71 -17.94 -30.59
N ALA D 31 -2.29 -16.97 -29.92
CA ALA D 31 -3.66 -17.04 -29.45
C ALA D 31 -4.67 -16.79 -30.56
N GLY D 32 -4.20 -16.58 -31.78
CA GLY D 32 -5.07 -16.47 -32.95
C GLY D 32 -5.68 -15.11 -33.20
N ALA D 33 -5.27 -14.11 -32.44
CA ALA D 33 -5.80 -12.74 -32.56
C ALA D 33 -5.28 -11.96 -33.78
N ALA D 34 -6.11 -11.06 -34.30
CA ALA D 34 -5.62 -10.08 -35.25
C ALA D 34 -4.79 -9.11 -34.39
N VAL D 35 -3.59 -8.76 -34.84
CA VAL D 35 -2.72 -7.93 -34.02
C VAL D 35 -2.09 -6.77 -34.79
N ALA D 36 -2.18 -5.57 -34.22
CA ALA D 36 -1.47 -4.38 -34.69
C ALA D 36 -0.45 -3.91 -33.66
N PHE D 37 0.73 -3.49 -34.12
CA PHE D 37 1.68 -2.83 -33.24
C PHE D 37 2.41 -1.68 -33.92
N CYS D 38 3.01 -0.83 -33.10
CA CYS D 38 3.73 0.33 -33.60
C CYS D 38 5.05 0.49 -32.88
N ALA D 39 5.92 1.33 -33.44
CA ALA D 39 7.24 1.56 -32.87
C ALA D 39 7.83 2.78 -33.55
N ARG D 40 8.93 3.28 -33.00
CA ARG D 40 9.56 4.47 -33.57
C ARG D 40 10.58 4.15 -34.67
N ASP D 41 11.41 3.15 -34.43
CA ASP D 41 12.42 2.78 -35.42
C ASP D 41 11.86 1.92 -36.56
N GLY D 42 11.82 2.50 -37.76
CA GLY D 42 11.31 1.80 -38.93
C GLY D 42 11.98 0.46 -39.20
N GLU D 43 13.30 0.44 -39.23
CA GLU D 43 14.06 -0.77 -39.53
C GLU D 43 13.80 -1.86 -38.48
N ARG D 44 13.67 -1.44 -37.22
CA ARG D 44 13.40 -2.36 -36.14
C ARG D 44 12.02 -2.97 -36.32
N LEU D 45 11.05 -2.12 -36.69
CA LEU D 45 9.67 -2.55 -36.83
C LEU D 45 9.50 -3.52 -37.99
N ARG D 46 10.18 -3.24 -39.10
CA ARG D 46 10.11 -4.06 -40.30
C ARG D 46 10.73 -5.43 -40.08
N ALA D 47 11.93 -5.45 -39.51
CA ALA D 47 12.60 -6.71 -39.17
C ALA D 47 11.69 -7.58 -38.30
N ALA D 48 11.07 -6.96 -37.30
CA ALA D 48 10.17 -7.67 -36.39
C ALA D 48 8.92 -8.17 -37.12
N GLU D 49 8.27 -7.28 -37.86
CA GLU D 49 7.10 -7.66 -38.64
C GLU D 49 7.38 -8.85 -39.57
N SER D 50 8.54 -8.83 -40.22
CA SER D 50 8.93 -9.88 -41.15
C SER D 50 9.08 -11.24 -40.46
N ALA D 51 9.84 -11.25 -39.37
CA ALA D 51 10.08 -12.47 -38.60
C ALA D 51 8.77 -13.06 -38.12
N LEU D 52 7.86 -12.19 -37.71
CA LEU D 52 6.57 -12.63 -37.20
C LEU D 52 5.77 -13.35 -38.28
N ARG D 53 5.79 -12.81 -39.50
CA ARG D 53 5.05 -13.42 -40.60
C ARG D 53 5.57 -14.81 -40.95
N GLN D 54 6.88 -14.99 -40.86
CA GLN D 54 7.49 -16.29 -41.09
C GLN D 54 7.06 -17.29 -40.01
N ARG D 55 6.98 -16.80 -38.77
CA ARG D 55 6.53 -17.60 -37.64
C ARG D 55 5.04 -17.96 -37.74
N PHE D 56 4.21 -16.96 -38.01
CA PHE D 56 2.77 -17.17 -38.06
C PHE D 56 2.17 -16.97 -39.46
N PRO D 57 2.36 -17.96 -40.35
CA PRO D 57 1.85 -17.79 -41.72
C PRO D 57 0.35 -17.55 -41.70
N GLY D 58 -0.10 -16.56 -42.45
CA GLY D 58 -1.52 -16.29 -42.53
C GLY D 58 -2.06 -15.42 -41.41
N ALA D 59 -1.17 -15.03 -40.49
CA ALA D 59 -1.54 -14.12 -39.42
C ALA D 59 -2.19 -12.86 -39.98
N ARG D 60 -3.16 -12.33 -39.24
CA ARG D 60 -3.66 -10.98 -39.48
C ARG D 60 -2.81 -10.05 -38.64
N LEU D 61 -1.94 -9.30 -39.31
CA LEU D 61 -0.89 -8.53 -38.66
C LEU D 61 -0.70 -7.18 -39.37
N PHE D 62 -0.86 -6.11 -38.62
CA PHE D 62 -0.57 -4.78 -39.12
C PHE D 62 0.50 -4.10 -38.27
N ALA D 63 1.49 -3.50 -38.92
CA ALA D 63 2.58 -2.82 -38.23
C ALA D 63 2.91 -1.49 -38.91
N SER D 64 3.04 -0.43 -38.10
CA SER D 64 3.26 0.90 -38.63
C SER D 64 4.14 1.73 -37.70
N VAL D 65 5.10 2.46 -38.26
CA VAL D 65 5.89 3.38 -37.46
C VAL D 65 4.98 4.44 -36.85
N CYS D 66 5.17 4.72 -35.57
CA CYS D 66 4.39 5.75 -34.89
C CYS D 66 5.07 6.28 -33.63
N ASP D 67 5.14 7.60 -33.51
CA ASP D 67 5.58 8.19 -32.27
C ASP D 67 4.36 8.44 -31.39
N VAL D 68 4.23 7.68 -30.30
CA VAL D 68 3.06 7.81 -29.43
C VAL D 68 2.99 9.15 -28.68
N LEU D 69 4.04 9.96 -28.77
CA LEU D 69 3.99 11.30 -28.18
C LEU D 69 3.29 12.30 -29.10
N ASP D 70 3.00 11.87 -30.33
CA ASP D 70 2.36 12.73 -31.33
C ASP D 70 0.90 12.33 -31.52
N ALA D 71 -0.01 13.15 -31.00
CA ALA D 71 -1.43 12.80 -30.99
C ALA D 71 -2.00 12.44 -32.36
N LEU D 72 -1.52 13.09 -33.41
CA LEU D 72 -2.04 12.88 -34.75
C LEU D 72 -1.52 11.59 -35.38
N GLN D 73 -0.25 11.30 -35.15
CA GLN D 73 0.28 10.03 -35.60
C GLN D 73 -0.52 8.88 -34.97
N VAL D 74 -0.74 8.97 -33.66
CA VAL D 74 -1.50 7.94 -32.95
C VAL D 74 -2.91 7.81 -33.52
N ARG D 75 -3.56 8.93 -33.75
CA ARG D 75 -4.88 8.97 -34.38
C ARG D 75 -4.88 8.27 -35.74
N ALA D 76 -3.93 8.62 -36.60
CA ALA D 76 -3.86 7.97 -37.92
C ALA D 76 -3.61 6.47 -37.77
N PHE D 77 -2.72 6.11 -36.84
CA PHE D 77 -2.40 4.72 -36.57
C PHE D 77 -3.65 3.95 -36.19
N ALA D 78 -4.47 4.56 -35.33
CA ALA D 78 -5.70 3.93 -34.88
C ALA D 78 -6.69 3.80 -36.03
N GLU D 79 -6.70 4.77 -36.95
CA GLU D 79 -7.53 4.68 -38.15
C GLU D 79 -7.09 3.49 -38.98
N ALA D 80 -5.79 3.43 -39.25
CA ALA D 80 -5.23 2.37 -40.06
C ALA D 80 -5.51 0.98 -39.46
N CYS D 81 -5.44 0.88 -38.13
CA CYS D 81 -5.70 -0.39 -37.45
C CYS D 81 -7.13 -0.84 -37.66
N GLU D 82 -8.06 0.08 -37.52
CA GLU D 82 -9.46 -0.28 -37.66
C GLU D 82 -9.79 -0.72 -39.10
N ARG D 83 -9.36 0.07 -40.08
CA ARG D 83 -9.65 -0.21 -41.49
C ARG D 83 -9.09 -1.54 -41.93
N THR D 84 -7.96 -1.93 -41.34
CA THR D 84 -7.23 -3.10 -41.77
C THR D 84 -7.66 -4.36 -41.03
N LEU D 85 -7.74 -4.27 -39.70
CA LEU D 85 -8.02 -5.45 -38.90
C LEU D 85 -9.43 -5.47 -38.34
N GLY D 86 -10.10 -4.32 -38.34
CA GLY D 86 -11.36 -4.19 -37.64
C GLY D 86 -11.18 -3.48 -36.31
N CYS D 87 -12.30 -3.20 -35.64
CA CYS D 87 -12.32 -2.52 -34.36
CA CYS D 87 -12.28 -2.49 -34.37
C CYS D 87 -11.44 -3.19 -33.28
N ALA D 88 -10.60 -2.40 -32.61
CA ALA D 88 -9.75 -2.91 -31.54
C ALA D 88 -10.55 -3.27 -30.27
N SER D 89 -10.17 -4.36 -29.61
CA SER D 89 -10.84 -4.80 -28.40
C SER D 89 -9.81 -4.99 -27.28
N ILE D 90 -8.54 -5.04 -27.66
CA ILE D 90 -7.47 -5.12 -26.68
C ILE D 90 -6.41 -4.06 -26.95
N LEU D 91 -6.02 -3.32 -25.91
CA LEU D 91 -4.94 -2.34 -26.06
C LEU D 91 -3.86 -2.55 -25.00
N VAL D 92 -2.62 -2.63 -25.45
CA VAL D 92 -1.48 -2.82 -24.55
C VAL D 92 -0.46 -1.71 -24.77
N ASN D 93 -0.15 -0.98 -23.71
CA ASN D 93 0.81 0.11 -23.80
C ASN D 93 2.12 -0.24 -23.13
N ASN D 94 3.13 -0.47 -23.95
CA ASN D 94 4.45 -0.87 -23.48
C ASN D 94 5.29 0.34 -23.14
N ALA D 95 5.81 0.34 -21.90
CA ALA D 95 6.68 1.39 -21.36
C ALA D 95 7.93 1.64 -22.20
N GLY D 96 8.06 2.86 -22.75
CA GLY D 96 9.21 3.24 -23.55
C GLY D 96 10.54 2.71 -23.06
N GLN D 97 10.97 3.20 -21.90
CA GLN D 97 12.22 2.75 -21.28
C GLN D 97 12.44 3.49 -19.97
N GLY D 98 13.44 3.04 -19.19
CA GLY D 98 13.78 3.69 -17.94
C GLY D 98 14.92 4.67 -18.07
N ARG D 99 14.91 5.69 -17.22
CA ARG D 99 15.99 6.68 -17.18
C ARG D 99 16.79 6.53 -15.89
N VAL D 100 18.11 6.45 -16.02
CA VAL D 100 18.99 6.27 -14.87
C VAL D 100 19.55 7.59 -14.37
N SER D 101 19.07 8.04 -13.21
CA SER D 101 19.69 9.17 -12.53
C SER D 101 19.10 9.38 -11.16
N THR D 102 19.89 10.00 -10.29
CA THR D 102 19.41 10.41 -8.99
C THR D 102 18.63 11.72 -9.13
N PHE D 103 18.17 12.25 -8.01
CA PHE D 103 17.49 13.55 -8.00
C PHE D 103 18.49 14.62 -8.39
N ALA D 104 19.66 14.58 -7.75
CA ALA D 104 20.69 15.57 -8.04
C ALA D 104 21.07 15.53 -9.52
N GLU D 105 20.96 14.35 -10.14
CA GLU D 105 21.35 14.18 -11.54
C GLU D 105 20.26 14.55 -12.53
N THR D 106 19.04 14.74 -12.05
CA THR D 106 17.93 15.00 -12.95
C THR D 106 17.67 16.49 -13.21
N THR D 107 17.91 16.92 -14.44
CA THR D 107 17.63 18.31 -14.82
C THR D 107 16.13 18.51 -15.05
N ASP D 108 15.70 19.76 -15.11
CA ASP D 108 14.29 20.07 -15.39
C ASP D 108 13.88 19.43 -16.70
N GLU D 109 14.72 19.62 -17.72
CA GLU D 109 14.49 19.05 -19.05
C GLU D 109 14.26 17.54 -18.97
N ALA D 110 15.15 16.83 -18.28
CA ALA D 110 15.00 15.40 -18.09
C ALA D 110 13.64 15.09 -17.47
N TRP D 111 13.29 15.83 -16.43
CA TRP D 111 12.01 15.66 -15.72
C TRP D 111 10.82 15.77 -16.67
N SER D 112 10.83 16.81 -17.51
CA SER D 112 9.71 17.02 -18.42
C SER D 112 9.59 15.89 -19.43
N GLU D 113 10.67 15.53 -20.08
CA GLU D 113 10.55 14.46 -21.07
C GLU D 113 10.18 13.14 -20.44
N GLU D 114 10.70 12.88 -19.23
CA GLU D 114 10.37 11.62 -18.56
C GLU D 114 8.87 11.54 -18.24
N LEU D 115 8.33 12.60 -17.63
CA LEU D 115 6.90 12.70 -17.36
C LEU D 115 6.06 12.61 -18.64
N GLN D 116 6.45 13.37 -19.67
CA GLN D 116 5.69 13.41 -20.92
C GLN D 116 5.67 12.05 -21.57
N LEU D 117 6.85 11.42 -21.67
CA LEU D 117 6.98 10.08 -22.25
C LEU D 117 6.06 9.05 -21.59
N LYS D 118 6.11 8.96 -20.26
CA LYS D 118 5.41 7.91 -19.52
C LYS D 118 3.91 8.16 -19.50
N PHE D 119 3.53 9.43 -19.41
CA PHE D 119 2.13 9.78 -19.36
C PHE D 119 1.46 9.74 -20.74
N PHE D 120 2.09 10.32 -21.76
CA PHE D 120 1.44 10.43 -23.06
C PHE D 120 1.51 9.13 -23.87
N SER D 121 2.52 8.31 -23.60
CA SER D 121 2.58 7.00 -24.21
C SER D 121 1.41 6.14 -23.74
N VAL D 122 0.75 6.53 -22.65
CA VAL D 122 -0.52 5.89 -22.28
C VAL D 122 -1.72 6.74 -22.69
N ILE D 123 -1.66 8.04 -22.40
CA ILE D 123 -2.81 8.92 -22.65
C ILE D 123 -3.24 8.92 -24.12
N HIS D 124 -2.27 9.07 -25.03
CA HIS D 124 -2.58 9.12 -26.46
C HIS D 124 -3.22 7.83 -27.02
N PRO D 125 -2.59 6.67 -26.83
CA PRO D 125 -3.20 5.45 -27.36
C PRO D 125 -4.58 5.15 -26.76
N VAL D 126 -4.73 5.33 -25.44
CA VAL D 126 -6.05 5.17 -24.79
C VAL D 126 -7.12 6.05 -25.43
N ARG D 127 -6.86 7.34 -25.50
CA ARG D 127 -7.82 8.27 -26.05
C ARG D 127 -8.13 8.00 -27.54
N ALA D 128 -7.13 7.58 -28.30
CA ALA D 128 -7.33 7.29 -29.72
C ALA D 128 -8.16 6.03 -29.93
N PHE D 129 -7.90 4.99 -29.13
CA PHE D 129 -8.54 3.69 -29.32
C PHE D 129 -9.81 3.45 -28.51
N LEU D 130 -10.01 4.21 -27.45
CA LEU D 130 -11.18 4.04 -26.59
C LEU D 130 -12.50 3.90 -27.34
N PRO D 131 -12.74 4.75 -28.36
CA PRO D 131 -14.01 4.61 -29.09
C PRO D 131 -14.18 3.22 -29.69
N GLN D 132 -13.09 2.61 -30.14
CA GLN D 132 -13.11 1.24 -30.64
C GLN D 132 -13.39 0.25 -29.51
N LEU D 133 -12.61 0.36 -28.45
CA LEU D 133 -12.66 -0.58 -27.33
C LEU D 133 -14.05 -0.67 -26.75
N GLU D 134 -14.71 0.48 -26.62
CA GLU D 134 -16.05 0.54 -26.07
C GLU D 134 -17.11 0.09 -27.10
N SER D 135 -16.67 -0.24 -28.30
CA SER D 135 -17.58 -0.83 -29.29
C SER D 135 -17.51 -2.34 -29.27
N ARG D 136 -16.60 -2.89 -28.47
CA ARG D 136 -16.35 -4.33 -28.47
C ARG D 136 -16.60 -4.94 -27.09
N ALA D 137 -17.12 -6.17 -27.07
CA ALA D 137 -17.27 -6.92 -25.81
C ALA D 137 -15.92 -7.48 -25.38
N ASP D 138 -15.75 -7.75 -24.10
CA ASP D 138 -14.49 -8.28 -23.58
C ASP D 138 -13.31 -7.36 -23.90
N ALA D 139 -13.54 -6.04 -23.82
CA ALA D 139 -12.47 -5.07 -24.10
C ALA D 139 -11.62 -4.82 -22.86
N ALA D 140 -10.31 -4.75 -23.06
CA ALA D 140 -9.41 -4.56 -21.95
C ALA D 140 -8.16 -3.79 -22.35
N ILE D 141 -7.69 -2.96 -21.45
CA ILE D 141 -6.44 -2.25 -21.62
C ILE D 141 -5.45 -2.75 -20.57
N VAL D 142 -4.20 -2.95 -20.98
CA VAL D 142 -3.15 -3.27 -20.03
C VAL D 142 -2.05 -2.24 -20.22
N CYS D 143 -1.61 -1.64 -19.12
CA CYS D 143 -0.51 -0.70 -19.22
C CYS D 143 0.71 -1.34 -18.57
N VAL D 144 1.77 -1.53 -19.35
CA VAL D 144 2.97 -2.10 -18.77
C VAL D 144 3.67 -1.08 -17.85
N ASN D 145 3.96 -1.48 -16.62
CA ASN D 145 4.60 -0.57 -15.67
C ASN D 145 5.70 -1.32 -14.92
N SER D 146 6.31 -0.64 -13.95
CA SER D 146 7.42 -1.19 -13.19
C SER D 146 7.15 -1.13 -11.68
N LEU D 147 7.78 -2.04 -10.93
CA LEU D 147 7.64 -2.05 -9.46
C LEU D 147 8.07 -0.70 -8.90
N LEU D 148 8.93 0.01 -9.63
CA LEU D 148 9.34 1.36 -9.25
C LEU D 148 8.16 2.25 -8.88
N ALA D 149 6.99 1.99 -9.47
CA ALA D 149 5.81 2.82 -9.22
C ALA D 149 5.36 2.81 -7.76
N SER D 150 5.63 1.72 -7.05
CA SER D 150 5.26 1.65 -5.64
C SER D 150 6.46 1.45 -4.75
N GLN D 151 7.62 1.17 -5.33
CA GLN D 151 8.81 0.90 -4.56
C GLN D 151 10.02 1.43 -5.31
N PRO D 152 10.26 2.74 -5.18
CA PRO D 152 11.32 3.37 -6.00
C PRO D 152 12.74 2.91 -5.63
N GLU D 153 13.62 3.06 -6.60
CA GLU D 153 15.05 2.79 -6.45
C GLU D 153 15.83 4.08 -6.71
N PRO D 154 16.95 4.25 -5.99
CA PRO D 154 17.70 5.52 -5.87
C PRO D 154 18.28 6.07 -7.19
N HIS D 155 18.54 5.20 -8.16
CA HIS D 155 19.07 5.71 -9.43
C HIS D 155 18.00 5.72 -10.51
N MET D 156 16.75 5.66 -10.10
CA MET D 156 15.62 5.71 -11.02
C MET D 156 14.58 6.70 -10.51
N VAL D 157 15.04 7.85 -10.01
CA VAL D 157 14.15 8.77 -9.31
C VAL D 157 13.01 9.35 -10.18
N ALA D 158 13.36 9.92 -11.32
CA ALA D 158 12.35 10.54 -12.19
C ALA D 158 11.41 9.48 -12.77
N THR D 159 11.97 8.35 -13.20
CA THR D 159 11.17 7.27 -13.78
CA THR D 159 11.14 7.31 -13.78
C THR D 159 10.24 6.66 -12.73
N SER D 160 10.76 6.48 -11.51
CA SER D 160 9.93 5.94 -10.41
C SER D 160 8.70 6.81 -10.15
N ALA D 161 8.93 8.12 -10.06
CA ALA D 161 7.86 9.07 -9.81
C ALA D 161 6.88 9.10 -10.97
N ALA D 162 7.39 9.12 -12.21
CA ALA D 162 6.51 9.05 -13.37
C ALA D 162 5.72 7.73 -13.45
N ARG D 163 6.33 6.61 -13.00
CA ARG D 163 5.62 5.32 -13.02
C ARG D 163 4.47 5.36 -12.03
N ALA D 164 4.70 5.99 -10.88
CA ALA D 164 3.68 6.14 -9.84
C ALA D 164 2.46 6.87 -10.39
N GLY D 165 2.70 7.98 -11.06
CA GLY D 165 1.64 8.77 -11.66
C GLY D 165 0.79 7.91 -12.56
N VAL D 166 1.44 7.12 -13.40
CA VAL D 166 0.76 6.29 -14.37
C VAL D 166 -0.01 5.12 -13.72
N LYS D 167 0.54 4.59 -12.62
CA LYS D 167 -0.14 3.54 -11.88
C LYS D 167 -1.42 4.09 -11.27
N ASN D 168 -1.35 5.32 -10.74
CA ASN D 168 -2.53 6.00 -10.22
C ASN D 168 -3.57 6.18 -11.34
N LEU D 169 -3.10 6.55 -12.53
CA LEU D 169 -3.99 6.79 -13.68
C LEU D 169 -4.75 5.52 -14.06
N VAL D 170 -4.06 4.38 -14.07
CA VAL D 170 -4.69 3.10 -14.36
C VAL D 170 -5.92 2.87 -13.47
N ARG D 171 -5.80 3.16 -12.17
CA ARG D 171 -6.98 3.09 -11.29
C ARG D 171 -8.12 4.01 -11.75
N SER D 172 -7.82 5.27 -12.03
CA SER D 172 -8.85 6.20 -12.50
C SER D 172 -9.52 5.75 -13.81
N MET D 173 -8.72 5.27 -14.77
CA MET D 173 -9.26 4.79 -16.05
C MET D 173 -10.17 3.55 -15.91
N ALA D 174 -9.78 2.61 -15.05
CA ALA D 174 -10.64 1.45 -14.82
C ALA D 174 -11.98 1.91 -14.23
N PHE D 175 -11.94 2.83 -13.28
CA PHE D 175 -13.19 3.31 -12.71
C PHE D 175 -14.04 4.05 -13.73
N GLU D 176 -13.41 4.90 -14.55
CA GLU D 176 -14.13 5.70 -15.53
C GLU D 176 -14.66 4.85 -16.69
N PHE D 177 -13.85 3.95 -17.24
CA PHE D 177 -14.27 3.17 -18.40
C PHE D 177 -15.12 1.94 -18.04
N ALA D 178 -15.14 1.56 -16.77
CA ALA D 178 -15.91 0.37 -16.35
C ALA D 178 -17.36 0.36 -16.85
N PRO D 179 -18.02 1.53 -16.85
CA PRO D 179 -19.42 1.53 -17.31
C PRO D 179 -19.57 1.16 -18.80
N LYS D 180 -18.56 1.46 -19.61
CA LYS D 180 -18.59 1.09 -21.03
C LYS D 180 -17.84 -0.21 -21.31
N GLY D 181 -17.70 -1.06 -20.28
CA GLY D 181 -17.24 -2.43 -20.46
C GLY D 181 -15.77 -2.68 -20.72
N VAL D 182 -14.94 -1.64 -20.60
CA VAL D 182 -13.50 -1.75 -20.78
C VAL D 182 -12.79 -1.89 -19.44
N ARG D 183 -12.13 -3.04 -19.24
CA ARG D 183 -11.31 -3.24 -18.05
C ARG D 183 -9.95 -2.60 -18.26
N VAL D 184 -9.30 -2.23 -17.17
CA VAL D 184 -7.99 -1.60 -17.24
C VAL D 184 -7.14 -2.12 -16.10
N ASN D 185 -5.94 -2.60 -16.42
CA ASN D 185 -5.00 -3.07 -15.41
C ASN D 185 -3.59 -2.80 -15.87
N GLY D 186 -2.62 -3.10 -15.04
CA GLY D 186 -1.24 -3.03 -15.47
C GLY D 186 -0.45 -4.17 -14.89
N ILE D 187 0.84 -4.20 -15.18
CA ILE D 187 1.74 -5.15 -14.55
C ILE D 187 2.88 -4.33 -14.00
N LEU D 188 3.58 -4.88 -13.01
CA LEU D 188 4.72 -4.20 -12.42
C LEU D 188 5.95 -5.06 -12.57
N ILE D 189 6.75 -4.78 -13.60
CA ILE D 189 7.92 -5.61 -13.83
C ILE D 189 9.04 -5.32 -12.83
N GLY D 190 9.81 -6.35 -12.52
CA GLY D 190 11.06 -6.20 -11.79
C GLY D 190 12.20 -5.96 -12.75
N LEU D 191 13.30 -6.70 -12.59
CA LEU D 191 14.42 -6.57 -13.51
C LEU D 191 14.30 -7.62 -14.62
N VAL D 192 14.04 -7.15 -15.84
CA VAL D 192 13.80 -8.07 -16.95
C VAL D 192 14.91 -7.99 -18.00
N GLU D 193 15.38 -9.15 -18.46
CA GLU D 193 16.43 -9.22 -19.49
C GLU D 193 16.14 -8.23 -20.61
N SER D 194 17.16 -7.47 -21.01
CA SER D 194 16.92 -6.40 -21.96
C SER D 194 18.21 -5.87 -22.54
N GLY D 195 18.07 -4.94 -23.48
CA GLY D 195 19.22 -4.25 -24.07
C GLY D 195 20.15 -3.68 -23.01
N GLN D 196 19.56 -3.08 -21.98
CA GLN D 196 20.34 -2.52 -20.88
C GLN D 196 21.23 -3.57 -20.24
N TRP D 197 20.62 -4.65 -19.80
CA TRP D 197 21.35 -5.71 -19.11
C TRP D 197 22.38 -6.40 -20.01
N ARG D 198 22.03 -6.62 -21.28
CA ARG D 198 22.98 -7.17 -22.25
C ARG D 198 24.15 -6.20 -22.39
N ARG D 199 23.83 -4.91 -22.43
CA ARG D 199 24.83 -3.85 -22.51
C ARG D 199 25.74 -3.92 -21.28
N ARG D 200 25.14 -4.01 -20.11
CA ARG D 200 25.88 -4.12 -18.84
C ARG D 200 26.70 -5.41 -18.76
N PHE D 201 26.12 -6.52 -19.23
CA PHE D 201 26.87 -7.77 -19.30
C PHE D 201 28.10 -7.61 -20.19
N GLU D 202 27.97 -6.80 -21.24
CA GLU D 202 29.06 -6.65 -22.19
C GLU D 202 30.23 -5.87 -21.62
N ALA D 203 29.94 -5.03 -20.62
CA ALA D 203 30.97 -4.24 -19.95
C ALA D 203 31.13 -4.70 -18.50
N ARG D 204 31.56 -5.94 -18.31
CA ARG D 204 31.68 -6.48 -16.96
C ARG D 204 33.14 -6.64 -16.57
N GLU D 205 33.42 -6.57 -15.27
CA GLU D 205 34.76 -6.87 -14.76
C GLU D 205 35.08 -8.35 -14.92
N GLU D 206 34.19 -9.21 -14.45
CA GLU D 206 34.40 -10.65 -14.50
C GLU D 206 34.07 -11.22 -15.87
N ARG D 207 35.04 -11.18 -16.78
CA ARG D 207 34.85 -11.71 -18.12
C ARG D 207 34.64 -13.22 -18.06
N GLU D 208 35.14 -13.83 -16.99
CA GLU D 208 35.08 -15.29 -16.84
C GLU D 208 33.64 -15.79 -16.87
N LEU D 209 32.72 -14.96 -16.37
CA LEU D 209 31.31 -15.31 -16.33
C LEU D 209 30.65 -15.07 -17.69
N ASP D 210 29.90 -16.04 -18.17
CA ASP D 210 29.08 -15.85 -19.37
C ASP D 210 27.76 -15.17 -19.01
N TRP D 211 26.85 -15.09 -19.98
CA TRP D 211 25.59 -14.39 -19.75
C TRP D 211 24.74 -15.01 -18.64
N ALA D 212 24.61 -16.34 -18.67
CA ALA D 212 23.74 -17.02 -17.72
C ALA D 212 24.28 -16.94 -16.29
N GLN D 213 25.60 -16.99 -16.17
CA GLN D 213 26.26 -16.92 -14.87
C GLN D 213 26.20 -15.50 -14.32
N TRP D 214 26.40 -14.55 -15.20
CA TRP D 214 26.45 -13.15 -14.80
C TRP D 214 25.08 -12.69 -14.28
N THR D 215 24.01 -13.03 -14.98
CA THR D 215 22.69 -12.58 -14.56
C THR D 215 22.24 -13.25 -13.27
N ALA D 216 22.68 -14.49 -13.05
CA ALA D 216 22.41 -15.17 -11.79
C ALA D 216 23.07 -14.42 -10.63
N GLN D 217 24.35 -14.12 -10.78
CA GLN D 217 25.07 -13.31 -9.79
C GLN D 217 24.37 -11.96 -9.60
N LEU D 218 24.05 -11.28 -10.71
CA LEU D 218 23.34 -9.99 -10.64
C LEU D 218 22.03 -10.15 -9.90
N ALA D 219 21.35 -11.28 -10.10
CA ALA D 219 20.07 -11.49 -9.48
C ALA D 219 20.23 -11.59 -7.96
N ARG D 220 21.26 -12.30 -7.52
CA ARG D 220 21.55 -12.42 -6.11
C ARG D 220 21.92 -11.06 -5.52
N ASN D 221 22.73 -10.31 -6.23
CA ASN D 221 23.15 -8.98 -5.79
C ASN D 221 21.98 -8.02 -5.63
N LYS D 222 20.99 -8.17 -6.51
CA LYS D 222 19.80 -7.32 -6.45
C LYS D 222 18.80 -7.94 -5.48
N GLN D 223 19.16 -9.07 -4.88
CA GLN D 223 18.31 -9.69 -3.88
C GLN D 223 16.94 -10.08 -4.43
N ILE D 224 16.93 -10.68 -5.61
CA ILE D 224 15.69 -11.14 -6.22
C ILE D 224 15.45 -12.52 -5.64
N PRO D 225 14.31 -12.70 -4.95
CA PRO D 225 14.08 -14.01 -4.33
C PRO D 225 14.18 -15.17 -5.32
N LEU D 226 13.56 -15.04 -6.48
CA LEU D 226 13.58 -16.14 -7.46
C LEU D 226 14.96 -16.39 -8.04
N GLY D 227 15.89 -15.47 -7.77
CA GLY D 227 17.29 -15.69 -8.08
C GLY D 227 17.68 -15.60 -9.55
N ARG D 228 16.90 -14.87 -10.34
CA ARG D 228 17.24 -14.64 -11.73
C ARG D 228 16.52 -13.42 -12.28
N LEU D 229 16.99 -12.93 -13.42
CA LEU D 229 16.26 -11.88 -14.13
C LEU D 229 14.98 -12.45 -14.74
N GLY D 230 13.98 -11.60 -14.91
CA GLY D 230 12.81 -12.00 -15.66
C GLY D 230 13.07 -12.11 -17.17
N LYS D 231 12.14 -12.74 -17.88
CA LYS D 231 12.17 -12.78 -19.33
C LYS D 231 10.92 -12.10 -19.86
N PRO D 232 11.06 -11.36 -20.97
CA PRO D 232 9.94 -10.67 -21.63
C PRO D 232 8.71 -11.56 -21.75
N ILE D 233 8.92 -12.86 -22.03
CA ILE D 233 7.78 -13.75 -22.23
C ILE D 233 6.91 -13.86 -20.97
N GLU D 234 7.59 -13.92 -19.80
CA GLU D 234 6.94 -13.86 -18.49
C GLU D 234 6.09 -12.61 -18.28
N ALA D 235 6.63 -11.44 -18.60
CA ALA D 235 5.81 -10.23 -18.53
C ALA D 235 4.63 -10.35 -19.50
N ALA D 236 4.93 -10.81 -20.72
CA ALA D 236 3.91 -11.03 -21.76
C ALA D 236 2.76 -11.95 -21.33
N ARG D 237 3.07 -13.03 -20.63
CA ARG D 237 2.03 -13.94 -20.15
C ARG D 237 1.06 -13.29 -19.15
N ALA D 238 1.58 -12.45 -18.26
CA ALA D 238 0.75 -11.69 -17.33
C ALA D 238 -0.10 -10.64 -18.05
N ILE D 239 0.48 -9.95 -19.03
CA ILE D 239 -0.30 -9.03 -19.87
C ILE D 239 -1.43 -9.76 -20.60
N LEU D 240 -1.13 -10.96 -21.09
CA LEU D 240 -2.13 -11.76 -21.79
C LEU D 240 -3.28 -12.20 -20.88
N PHE D 241 -2.94 -12.67 -19.69
CA PHE D 241 -3.97 -13.03 -18.73
C PHE D 241 -4.90 -11.85 -18.50
N LEU D 242 -4.31 -10.70 -18.22
CA LEU D 242 -5.08 -9.48 -17.94
C LEU D 242 -5.88 -8.99 -19.14
N ALA D 243 -5.33 -9.24 -20.34
CA ALA D 243 -5.99 -8.82 -21.57
C ALA D 243 -7.17 -9.73 -21.94
N SER D 244 -7.17 -10.96 -21.45
CA SER D 244 -8.14 -11.96 -21.92
C SER D 244 -9.34 -12.07 -21.00
N PRO D 245 -10.38 -12.78 -21.45
CA PRO D 245 -11.59 -12.99 -20.65
C PRO D 245 -11.33 -13.82 -19.39
N LEU D 246 -10.16 -14.47 -19.32
CA LEU D 246 -9.76 -15.20 -18.12
C LEU D 246 -9.72 -14.28 -16.89
N SER D 247 -9.53 -12.97 -17.11
CA SER D 247 -9.44 -12.02 -16.00
C SER D 247 -10.66 -11.09 -15.94
N ALA D 248 -11.81 -11.64 -16.33
CA ALA D 248 -13.03 -10.88 -16.57
C ALA D 248 -13.59 -10.14 -15.35
N TYR D 249 -13.07 -10.42 -14.17
CA TYR D 249 -13.57 -9.76 -12.97
C TYR D 249 -12.46 -9.00 -12.27
N THR D 250 -11.44 -8.63 -13.06
CA THR D 250 -10.28 -7.93 -12.56
C THR D 250 -10.08 -6.60 -13.31
N THR D 251 -10.17 -5.50 -12.59
CA THR D 251 -9.94 -4.17 -13.20
C THR D 251 -9.47 -3.13 -12.18
N GLY D 252 -8.68 -2.17 -12.63
CA GLY D 252 -8.09 -1.18 -11.76
C GLY D 252 -7.01 -1.80 -10.89
N SER D 253 -6.29 -2.78 -11.41
CA SER D 253 -5.34 -3.50 -10.57
C SER D 253 -4.00 -3.73 -11.25
N HIS D 254 -3.07 -4.34 -10.52
CA HIS D 254 -1.79 -4.71 -11.11
C HIS D 254 -1.36 -6.11 -10.72
N ILE D 255 -0.61 -6.74 -11.61
CA ILE D 255 0.00 -8.02 -11.32
C ILE D 255 1.50 -7.80 -11.18
N ASP D 256 2.05 -8.36 -10.11
CA ASP D 256 3.48 -8.27 -9.79
C ASP D 256 4.27 -9.24 -10.68
N VAL D 257 5.25 -8.72 -11.41
CA VAL D 257 6.12 -9.58 -12.22
C VAL D 257 7.58 -9.22 -11.98
N SER D 258 7.96 -9.26 -10.70
CA SER D 258 9.25 -8.75 -10.22
C SER D 258 10.11 -9.86 -9.60
N GLY D 259 9.58 -11.09 -9.53
CA GLY D 259 10.33 -12.18 -8.95
C GLY D 259 10.48 -12.06 -7.44
N GLY D 260 9.52 -11.40 -6.79
CA GLY D 260 9.52 -11.28 -5.34
C GLY D 260 10.21 -10.06 -4.75
N LEU D 261 10.41 -9.01 -5.56
CA LEU D 261 11.10 -7.81 -5.09
C LEU D 261 10.25 -6.86 -4.25
N SER D 262 8.94 -6.98 -4.31
CA SER D 262 8.07 -6.09 -3.51
C SER D 262 8.06 -6.46 -2.01
N ARG D 263 8.67 -5.60 -1.20
CA ARG D 263 8.75 -5.77 0.25
C ARG D 263 7.43 -5.56 0.94
N HIS D 264 6.49 -4.92 0.25
CA HIS D 264 5.21 -4.61 0.87
C HIS D 264 4.32 -5.84 1.01
N ALA D 265 3.73 -6.02 2.18
CA ALA D 265 2.77 -7.09 2.39
C ALA D 265 1.47 -6.70 1.72
#